data_3C4Y
#
_entry.id   3C4Y
#
_cell.length_a   123.313
_cell.length_b   123.313
_cell.length_c   192.517
_cell.angle_alpha   90.00
_cell.angle_beta   90.00
_cell.angle_gamma   120.00
#
_symmetry.space_group_name_H-M   'P 32 2 1'
#
_entity_poly.entity_id   1
_entity_poly.type   'polypeptide(L)'
_entity_poly.pdbx_seq_one_letter_code
;MDFGSLETVVANSAFIAARGSFDASSGPASRDRKYLARLKLPPLSKCEALRESLDLGFEGMCLEQPIGKRLFQQFLRTHE
QHGPALQLWKDIEDYDTADDALRPQKAQALRAAYLEPQAQLFCSFLDAETVARARAGAGDGLFQPLLRAVLAHLGQAPFQ
EFLDSLYFLRFLQWKWLEAQPMGEDWFLDFRVLGRGGFGEVFACQMKATGKLYACKKLNKKRLKKRKGYQGAMVEKKILA
KVHSRFIVSLAYAFETKTDLCLVMTIMNGGDIRYHIYNVDEDNPGFQEPRAIFYTAQIVSGLEHLHQRNIIYRDLKPENV
LLDDDGNVRISDLGLAVELKAGQTKTKGYAGTPGFMAPELLLGEEYDFSVDYFALGVTLYEMIAARGPFRARGEKVENKE
LKQRVLEQAVTYPDKFSPASKDFCEALLQKDPEKRLGFRDGSCDGLRTHPLFRDISWRQLEAGMLTPPFVPDSRTVYAKN
IQDVGAFSTVKGVAFEKADTEFFQEFASGTCPIPWQEEMIETGVFGDLNVWRPDGVDHHHHHH
;
_entity_poly.pdbx_strand_id   A,B
#
# COMPACT_ATOMS: atom_id res chain seq x y z
N SER A 30 22.77 -15.55 2.51
CA SER A 30 21.94 -16.48 1.70
C SER A 30 20.52 -16.58 2.26
N ARG A 31 19.60 -17.16 1.48
CA ARG A 31 18.19 -17.26 1.87
C ARG A 31 17.58 -18.64 1.62
N ASP A 32 16.69 -19.06 2.51
CA ASP A 32 15.93 -20.30 2.38
C ASP A 32 14.53 -19.97 1.84
N ARG A 33 13.90 -20.96 1.20
CA ARG A 33 12.61 -20.76 0.52
C ARG A 33 11.47 -21.52 1.20
N LYS A 34 11.68 -22.81 1.48
CA LYS A 34 10.61 -23.67 2.03
C LYS A 34 10.11 -23.19 3.39
N TYR A 35 11.01 -22.67 4.23
CA TYR A 35 10.64 -22.10 5.53
C TYR A 35 10.13 -20.65 5.41
N LEU A 36 10.52 -19.98 4.34
CA LEU A 36 10.00 -18.65 4.03
C LEU A 36 8.62 -18.77 3.37
N ALA A 37 8.29 -19.97 2.90
CA ALA A 37 7.00 -20.26 2.26
C ALA A 37 5.85 -20.45 3.26
N ARG A 38 6.14 -20.89 4.48
CA ARG A 38 5.11 -21.04 5.53
C ARG A 38 4.66 -19.70 6.14
N LEU A 39 4.96 -18.60 5.47
CA LEU A 39 4.78 -17.25 6.02
C LEU A 39 4.05 -16.37 5.00
N LYS A 40 2.72 -16.36 5.10
CA LYS A 40 1.88 -15.65 4.12
C LYS A 40 1.05 -14.55 4.79
N LEU A 41 0.59 -13.61 3.97
CA LEU A 41 -0.24 -12.50 4.43
C LEU A 41 -1.71 -12.98 4.49
N PRO A 42 -2.35 -12.86 5.67
CA PRO A 42 -3.64 -13.49 5.91
C PRO A 42 -4.86 -12.69 5.46
N PRO A 43 -6.07 -13.26 5.57
CA PRO A 43 -7.34 -12.56 5.41
C PRO A 43 -7.73 -11.70 6.63
N LEU A 44 -9.00 -11.30 6.71
CA LEU A 44 -9.47 -10.33 7.71
C LEU A 44 -10.51 -10.86 8.71
N SER A 45 -11.08 -12.03 8.46
CA SER A 45 -12.05 -12.63 9.39
C SER A 45 -11.38 -13.25 10.62
N LYS A 46 -10.04 -13.30 10.65
CA LYS A 46 -9.28 -13.84 11.79
C LYS A 46 -8.83 -12.78 12.79
N CYS A 47 -8.54 -11.58 12.29
CA CYS A 47 -8.11 -10.47 13.15
C CYS A 47 -9.31 -9.80 13.81
N GLU A 48 -10.09 -10.59 14.55
CA GLU A 48 -11.21 -10.10 15.37
C GLU A 48 -11.08 -10.53 16.85
N ALA A 49 -10.40 -11.65 17.12
CA ALA A 49 -10.05 -12.06 18.49
C ALA A 49 -8.95 -11.19 19.08
N LEU A 50 -8.20 -10.53 18.19
CA LEU A 50 -7.13 -9.59 18.57
C LEU A 50 -7.71 -8.24 19.01
N ARG A 51 -8.78 -7.82 18.33
CA ARG A 51 -9.39 -6.49 18.51
C ARG A 51 -9.75 -6.16 19.97
N GLU A 52 -10.32 -7.12 20.68
CA GLU A 52 -10.81 -6.90 22.06
C GLU A 52 -9.75 -7.14 23.13
N SER A 53 -9.00 -8.24 23.01
CA SER A 53 -8.08 -8.69 24.07
C SER A 53 -6.81 -7.85 24.22
N LEU A 54 -6.45 -7.10 23.17
CA LEU A 54 -5.33 -6.15 23.24
C LEU A 54 -5.82 -4.73 23.54
N ASP A 55 -4.99 -3.98 24.27
CA ASP A 55 -5.35 -2.64 24.74
C ASP A 55 -4.16 -1.66 24.70
N LEU A 56 -3.41 -1.69 23.60
CA LEU A 56 -2.21 -0.86 23.47
C LEU A 56 -2.57 0.63 23.50
N GLY A 57 -2.30 1.25 24.64
CA GLY A 57 -2.32 2.71 24.73
C GLY A 57 -1.20 3.24 23.86
N PHE A 58 -1.43 4.41 23.27
CA PHE A 58 -0.46 5.05 22.36
C PHE A 58 1.00 4.62 22.56
N GLU A 59 1.50 4.81 23.78
CA GLU A 59 2.92 4.61 24.11
C GLU A 59 3.45 3.21 23.78
N GLY A 60 2.64 2.19 24.08
CA GLY A 60 3.06 0.79 23.93
C GLY A 60 3.12 0.28 22.50
N MET A 61 2.66 1.08 21.55
CA MET A 61 2.54 0.65 20.17
C MET A 61 3.60 1.32 19.27
N CYS A 62 3.23 2.38 18.58
CA CYS A 62 4.03 2.91 17.46
C CYS A 62 5.37 3.49 17.87
N LEU A 63 5.42 4.18 18.99
CA LEU A 63 6.64 4.83 19.44
C LEU A 63 7.73 3.82 19.77
N GLU A 64 7.32 2.62 20.17
CA GLU A 64 8.25 1.57 20.57
C GLU A 64 8.34 0.42 19.54
N GLN A 65 7.21 0.02 18.97
CA GLN A 65 7.19 -1.09 18.01
C GLN A 65 7.51 -0.59 16.60
N PRO A 66 8.69 -0.94 16.06
CA PRO A 66 9.13 -0.31 14.81
C PRO A 66 8.24 -0.60 13.60
N ILE A 67 7.60 -1.77 13.58
CA ILE A 67 6.63 -2.08 12.53
C ILE A 67 5.38 -1.20 12.70
N GLY A 68 5.08 -0.83 13.93
CA GLY A 68 4.05 0.17 14.20
C GLY A 68 4.56 1.54 13.76
N LYS A 69 5.68 1.95 14.37
CA LYS A 69 6.43 3.15 13.98
C LYS A 69 6.32 3.39 12.47
N ARG A 70 6.80 2.43 11.70
CA ARG A 70 6.91 2.57 10.24
C ARG A 70 5.54 2.62 9.57
N LEU A 71 4.66 1.71 9.93
CA LEU A 71 3.31 1.70 9.36
C LEU A 71 2.62 3.03 9.63
N PHE A 72 2.78 3.56 10.83
CA PHE A 72 2.19 4.84 11.18
C PHE A 72 2.96 5.98 10.53
N GLN A 73 4.29 5.85 10.48
CA GLN A 73 5.09 6.73 9.64
C GLN A 73 4.41 6.75 8.28
N GLN A 74 4.22 5.56 7.71
CA GLN A 74 3.61 5.40 6.39
C GLN A 74 2.20 5.98 6.30
N PHE A 75 1.47 6.04 7.41
CA PHE A 75 0.17 6.70 7.42
C PHE A 75 0.29 8.21 7.30
N LEU A 76 1.34 8.76 7.91
CA LEU A 76 1.59 10.20 7.84
C LEU A 76 2.28 10.62 6.55
N ARG A 77 2.72 9.64 5.77
CA ARG A 77 3.42 9.88 4.50
C ARG A 77 2.44 10.16 3.34
N THR A 78 1.37 9.36 3.24
CA THR A 78 0.34 9.54 2.20
C THR A 78 -0.68 10.61 2.59
N HIS A 79 -0.98 10.70 3.89
CA HIS A 79 -1.83 11.76 4.42
C HIS A 79 -1.00 13.04 4.54
N GLU A 80 -1.31 13.99 3.66
CA GLU A 80 -0.46 15.16 3.41
C GLU A 80 -0.45 16.21 4.54
N GLN A 81 -1.50 16.22 5.38
CA GLN A 81 -1.65 17.26 6.42
C GLN A 81 -0.67 17.13 7.59
N HIS A 82 -0.06 15.96 7.74
CA HIS A 82 0.89 15.73 8.83
C HIS A 82 2.27 15.33 8.30
N GLY A 83 2.70 16.03 7.25
CA GLY A 83 4.08 15.99 6.80
C GLY A 83 4.99 16.75 7.76
N PRO A 84 4.71 18.05 7.99
CA PRO A 84 5.51 18.88 8.90
C PRO A 84 5.77 18.28 10.29
N ALA A 85 4.77 17.59 10.86
CA ALA A 85 4.90 16.97 12.18
C ALA A 85 5.76 15.70 12.14
N LEU A 86 5.67 14.99 11.02
CA LEU A 86 6.44 13.78 10.81
C LEU A 86 7.93 14.12 10.65
N GLN A 87 8.24 14.90 9.62
CA GLN A 87 9.62 15.35 9.35
C GLN A 87 10.21 16.08 10.56
N LEU A 88 9.38 16.83 11.27
CA LEU A 88 9.77 17.44 12.53
C LEU A 88 10.39 16.38 13.42
N TRP A 89 9.62 15.35 13.73
CA TRP A 89 10.08 14.27 14.59
C TRP A 89 11.26 13.52 13.96
N LYS A 90 11.22 13.33 12.64
CA LYS A 90 12.34 12.72 11.93
C LYS A 90 13.64 13.45 12.20
N ASP A 91 13.64 14.76 11.94
CA ASP A 91 14.84 15.57 12.12
C ASP A 91 15.26 15.72 13.58
N ILE A 92 14.33 15.46 14.52
CA ILE A 92 14.69 15.39 15.94
C ILE A 92 15.51 14.13 16.22
N GLU A 93 15.09 12.99 15.65
CA GLU A 93 15.91 11.76 15.72
C GLU A 93 17.23 11.90 14.95
N ASP A 94 17.23 12.74 13.90
CA ASP A 94 18.46 13.02 13.13
C ASP A 94 19.44 13.89 13.93
N TYR A 95 18.93 14.87 14.68
CA TYR A 95 19.76 15.72 15.53
C TYR A 95 20.15 15.00 16.83
N ASP A 96 19.23 14.18 17.35
CA ASP A 96 19.50 13.36 18.54
C ASP A 96 20.84 12.61 18.41
N THR A 97 21.05 11.96 17.27
CA THR A 97 22.24 11.14 17.01
C THR A 97 23.41 11.88 16.33
N ALA A 98 23.18 13.13 15.94
CA ALA A 98 24.15 13.88 15.14
C ALA A 98 25.54 13.96 15.79
N ASP A 99 26.55 14.21 14.95
CA ASP A 99 27.94 14.29 15.41
C ASP A 99 28.15 15.57 16.26
N ASP A 100 29.39 15.89 16.61
CA ASP A 100 29.68 16.96 17.59
C ASP A 100 30.41 18.22 17.06
N ALA A 101 30.56 18.33 15.74
CA ALA A 101 30.91 19.60 15.09
C ALA A 101 29.85 20.04 14.07
N LEU A 102 28.76 19.27 13.99
CA LEU A 102 27.62 19.57 13.12
C LEU A 102 26.29 19.77 13.89
N ARG A 103 26.34 19.72 15.23
CA ARG A 103 25.16 20.02 16.06
C ARG A 103 24.76 21.50 16.02
N PRO A 104 25.74 22.41 16.12
CA PRO A 104 25.45 23.81 15.83
C PRO A 104 24.79 24.04 14.46
N GLN A 105 25.24 23.30 13.44
CA GLN A 105 24.70 23.44 12.07
C GLN A 105 23.32 22.80 11.91
N LYS A 106 23.16 21.56 12.41
CA LYS A 106 21.86 20.88 12.36
C LYS A 106 20.81 21.59 13.22
N ALA A 107 21.28 22.30 14.25
CA ALA A 107 20.41 23.18 15.03
C ALA A 107 19.93 24.35 14.18
N GLN A 108 20.87 25.06 13.56
CA GLN A 108 20.54 26.20 12.68
C GLN A 108 19.80 25.75 11.41
N ALA A 109 19.88 24.45 11.11
CA ALA A 109 19.09 23.84 10.04
C ALA A 109 17.66 23.57 10.52
N LEU A 110 17.53 23.00 11.71
CA LEU A 110 16.21 22.70 12.28
C LEU A 110 15.45 23.94 12.73
N ARG A 111 16.17 24.94 13.24
CA ARG A 111 15.55 26.20 13.66
C ARG A 111 15.01 27.00 12.47
N ALA A 112 15.69 26.92 11.33
CA ALA A 112 15.28 27.68 10.14
C ALA A 112 14.13 27.03 9.37
N ALA A 113 13.80 25.79 9.70
CA ALA A 113 12.82 25.01 8.95
C ALA A 113 11.41 24.98 9.57
N TYR A 114 11.32 25.08 10.90
CA TYR A 114 10.04 24.85 11.60
C TYR A 114 9.61 25.95 12.60
N LEU A 115 10.56 26.60 13.25
CA LEU A 115 10.26 27.54 14.35
C LEU A 115 9.63 28.89 13.95
N GLU A 116 10.37 29.69 13.20
CA GLU A 116 10.31 31.17 13.35
C GLU A 116 9.94 31.94 12.05
N PRO A 117 9.75 33.29 12.13
CA PRO A 117 8.82 34.05 11.28
C PRO A 117 8.29 33.40 10.01
N GLN A 118 7.15 32.71 10.16
CA GLN A 118 6.49 31.96 9.10
C GLN A 118 7.49 31.03 8.39
N ALA A 119 7.74 29.88 9.01
CA ALA A 119 8.52 28.82 8.38
C ALA A 119 7.65 28.14 7.32
N GLN A 120 8.29 27.41 6.41
CA GLN A 120 7.59 26.81 5.26
C GLN A 120 6.97 25.44 5.58
N LEU A 121 7.51 24.79 6.62
CA LEU A 121 6.87 23.62 7.22
C LEU A 121 6.41 23.98 8.63
N PHE A 122 5.94 25.22 8.80
CA PHE A 122 5.38 25.68 10.07
C PHE A 122 4.03 25.00 10.24
N CYS A 123 3.97 24.09 11.21
CA CYS A 123 2.78 23.34 11.47
C CYS A 123 1.77 24.21 12.22
N SER A 124 0.48 23.85 12.12
CA SER A 124 -0.58 24.60 12.77
C SER A 124 -1.56 23.68 13.53
N PHE A 125 -1.07 23.09 14.62
CA PHE A 125 -1.93 22.37 15.58
C PHE A 125 -1.62 22.70 17.05
N LEU A 126 -0.34 22.90 17.38
CA LEU A 126 0.04 23.44 18.68
C LEU A 126 0.00 24.96 18.64
N ASP A 127 -0.12 25.57 19.81
CA ASP A 127 -0.21 27.02 19.94
C ASP A 127 1.17 27.70 19.76
N ALA A 128 1.71 28.32 20.80
CA ALA A 128 3.03 28.94 20.72
C ALA A 128 3.68 29.12 22.10
N GLU A 129 3.53 28.10 22.97
CA GLU A 129 4.14 28.11 24.30
C GLU A 129 5.45 27.31 24.32
N THR A 130 5.52 26.23 23.53
CA THR A 130 6.73 25.41 23.43
C THR A 130 7.75 26.01 22.44
N VAL A 131 7.34 26.98 21.63
CA VAL A 131 8.26 27.73 20.75
C VAL A 131 9.23 28.55 21.60
N ALA A 132 8.73 29.06 22.72
CA ALA A 132 9.53 29.79 23.69
C ALA A 132 10.48 28.87 24.47
N ARG A 133 10.02 27.66 24.77
CA ARG A 133 10.77 26.70 25.59
C ARG A 133 12.17 26.36 25.03
N ALA A 134 12.27 26.09 23.73
CA ALA A 134 13.51 25.58 23.13
C ALA A 134 14.58 26.64 22.79
N ARG A 135 14.22 27.92 22.85
CA ARG A 135 15.08 29.00 22.35
C ARG A 135 16.45 29.17 23.03
N ALA A 136 16.69 28.50 24.16
CA ALA A 136 17.95 28.67 24.91
C ALA A 136 19.13 27.90 24.33
N GLY A 137 19.03 26.57 24.30
CA GLY A 137 20.14 25.70 23.92
C GLY A 137 20.72 26.01 22.56
N LEU A 142 19.39 22.29 23.27
CA LEU A 142 18.70 21.15 23.85
C LEU A 142 17.21 21.22 23.50
N PHE A 143 16.78 20.37 22.56
CA PHE A 143 15.39 20.35 22.05
C PHE A 143 14.62 19.09 22.44
N GLN A 144 14.80 18.64 23.68
CA GLN A 144 14.11 17.45 24.17
C GLN A 144 12.64 17.73 24.51
N PRO A 145 12.35 18.86 25.22
CA PRO A 145 10.95 19.22 25.53
C PRO A 145 10.13 19.62 24.28
N LEU A 146 10.83 20.04 23.23
CA LEU A 146 10.23 20.32 21.95
C LEU A 146 9.59 19.05 21.40
N LEU A 147 10.32 17.94 21.53
CA LEU A 147 9.89 16.65 21.02
C LEU A 147 8.62 16.15 21.71
N ARG A 148 8.62 16.14 23.05
CA ARG A 148 7.47 15.65 23.82
C ARG A 148 6.22 16.52 23.65
N ALA A 149 6.40 17.76 23.19
CA ALA A 149 5.28 18.65 22.89
C ALA A 149 4.48 18.15 21.68
N VAL A 150 5.18 17.70 20.65
CA VAL A 150 4.52 17.16 19.46
C VAL A 150 3.98 15.75 19.70
N LEU A 151 4.73 14.93 20.44
CA LEU A 151 4.33 13.57 20.78
C LEU A 151 2.98 13.54 21.47
N ALA A 152 2.88 14.29 22.56
CA ALA A 152 1.65 14.39 23.32
C ALA A 152 0.47 14.56 22.38
N HIS A 153 0.51 15.62 21.56
CA HIS A 153 -0.59 15.94 20.62
C HIS A 153 -0.72 14.91 19.50
N LEU A 154 0.39 14.57 18.87
CA LEU A 154 0.38 13.62 17.76
C LEU A 154 -0.31 12.30 18.13
N GLY A 155 -0.26 11.96 19.42
CA GLY A 155 -0.93 10.77 19.92
C GLY A 155 -2.40 10.92 20.28
N GLN A 156 -3.00 12.08 20.03
CA GLN A 156 -4.38 12.35 20.48
C GLN A 156 -5.38 12.60 19.32
N ALA A 157 -5.39 13.81 18.77
CA ALA A 157 -6.37 14.17 17.72
C ALA A 157 -6.08 13.47 16.39
N PRO A 158 -4.83 13.56 15.88
CA PRO A 158 -4.50 12.89 14.63
C PRO A 158 -4.43 11.36 14.74
N PHE A 159 -4.15 10.84 15.93
CA PHE A 159 -3.96 9.41 16.13
C PHE A 159 -5.22 8.57 15.89
N GLN A 160 -6.39 9.20 16.00
CA GLN A 160 -7.68 8.52 15.82
C GLN A 160 -7.80 7.79 14.48
N GLU A 161 -7.17 8.36 13.45
CA GLU A 161 -7.37 7.92 12.06
C GLU A 161 -6.66 6.62 11.75
N PHE A 162 -5.35 6.57 11.99
CA PHE A 162 -4.56 5.35 11.80
C PHE A 162 -5.37 4.12 12.19
N LEU A 163 -5.93 4.17 13.40
CA LEU A 163 -6.77 3.10 13.95
C LEU A 163 -7.87 2.71 12.98
N ASP A 164 -8.64 3.71 12.54
CA ASP A 164 -9.67 3.49 11.53
C ASP A 164 -9.06 3.80 10.14
N SER A 165 -7.98 3.11 9.80
CA SER A 165 -7.36 3.18 8.47
C SER A 165 -6.58 1.92 8.17
N LEU A 166 -6.13 1.78 6.91
CA LEU A 166 -5.54 0.54 6.42
C LEU A 166 -4.27 0.15 7.17
N TYR A 167 -3.29 1.03 7.12
CA TYR A 167 -1.94 0.78 7.61
C TYR A 167 -1.94 0.01 8.94
N PHE A 168 -2.82 0.42 9.85
CA PHE A 168 -3.02 -0.27 11.12
C PHE A 168 -3.46 -1.72 10.94
N LEU A 169 -4.40 -1.93 10.03
CA LEU A 169 -4.97 -3.26 9.82
C LEU A 169 -3.88 -4.24 9.40
N ARG A 170 -3.07 -3.84 8.42
CA ARG A 170 -1.93 -4.65 7.99
C ARG A 170 -1.05 -5.00 9.18
N PHE A 171 -0.91 -4.06 10.12
CA PHE A 171 -0.21 -4.34 11.37
C PHE A 171 -0.86 -5.50 12.11
N LEU A 172 -2.19 -5.49 12.23
CA LEU A 172 -2.92 -6.59 12.86
C LEU A 172 -2.53 -7.93 12.25
N GLN A 173 -2.32 -7.93 10.94
CA GLN A 173 -1.98 -9.12 10.21
C GLN A 173 -0.49 -9.47 10.35
N TRP A 174 0.36 -8.44 10.40
CA TRP A 174 1.76 -8.64 10.79
C TRP A 174 1.78 -9.17 12.22
N LYS A 175 0.94 -8.58 13.06
CA LYS A 175 0.80 -9.00 14.46
C LYS A 175 0.29 -10.43 14.56
N TRP A 176 -0.72 -10.75 13.74
CA TRP A 176 -1.31 -12.07 13.75
C TRP A 176 -0.25 -13.16 13.60
N LEU A 177 0.64 -13.01 12.62
CA LEU A 177 1.65 -14.02 12.33
C LEU A 177 2.75 -14.10 13.40
N GLU A 178 2.88 -13.04 14.20
CA GLU A 178 3.80 -13.06 15.34
C GLU A 178 3.28 -14.01 16.41
N ALA A 179 1.97 -14.02 16.63
CA ALA A 179 1.35 -14.91 17.59
C ALA A 179 1.24 -16.32 17.01
N GLN A 180 2.40 -16.92 16.74
CA GLN A 180 2.45 -18.24 16.11
C GLN A 180 3.52 -19.11 16.76
N PRO A 181 3.41 -20.44 16.58
CA PRO A 181 4.34 -21.37 17.23
C PRO A 181 5.58 -21.61 16.38
N MET A 182 6.70 -21.03 16.79
CA MET A 182 7.96 -21.15 16.06
C MET A 182 8.88 -22.12 16.81
N GLY A 183 8.76 -23.41 16.47
CA GLY A 183 9.47 -24.47 17.18
C GLY A 183 10.88 -24.78 16.71
N GLU A 184 11.37 -25.93 17.18
CA GLU A 184 12.72 -26.42 16.88
C GLU A 184 13.03 -26.50 15.39
N ASP A 185 12.01 -26.82 14.59
CA ASP A 185 12.13 -26.87 13.14
C ASP A 185 12.73 -25.60 12.56
N TRP A 186 12.39 -24.46 13.17
CA TRP A 186 12.68 -23.15 12.57
C TRP A 186 14.10 -22.63 12.83
N PHE A 187 14.95 -23.42 13.48
CA PHE A 187 16.34 -22.99 13.77
C PHE A 187 17.37 -24.11 13.63
N LEU A 188 18.62 -23.71 13.38
CA LEU A 188 19.72 -24.62 13.02
C LEU A 188 20.85 -24.59 14.04
N ASP A 189 21.58 -25.71 14.15
CA ASP A 189 22.72 -25.82 15.06
C ASP A 189 23.91 -26.54 14.42
N PHE A 190 25.11 -26.07 14.76
CA PHE A 190 26.34 -26.49 14.09
C PHE A 190 27.62 -26.04 14.83
N ARG A 191 27.61 -24.83 15.41
CA ARG A 191 28.75 -24.32 16.18
C ARG A 191 28.29 -23.86 17.59
N VAL A 192 29.05 -24.26 18.61
CA VAL A 192 28.67 -24.07 20.02
C VAL A 192 29.56 -23.05 20.74
N LEU A 193 28.97 -22.19 21.56
CA LEU A 193 29.71 -21.16 22.32
C LEU A 193 30.66 -21.79 23.36
N GLY A 194 30.11 -22.51 24.33
CA GLY A 194 30.91 -23.12 25.41
C GLY A 194 30.13 -24.07 26.29
N ARG A 195 30.63 -24.31 27.50
CA ARG A 195 29.95 -25.22 28.45
C ARG A 195 30.31 -24.90 29.91
N GLY A 196 29.34 -24.39 30.65
CA GLY A 196 29.47 -24.18 32.09
C GLY A 196 28.94 -25.37 32.85
N GLY A 197 27.70 -25.75 32.53
CA GLY A 197 27.02 -26.86 33.17
C GLY A 197 25.59 -27.06 32.66
N PHE A 198 24.75 -26.03 32.81
CA PHE A 198 23.31 -26.11 32.50
C PHE A 198 23.00 -26.89 31.22
N GLY A 199 23.75 -26.63 30.17
CA GLY A 199 23.56 -27.35 28.91
C GLY A 199 24.58 -26.99 27.87
N GLU A 200 24.12 -26.84 26.63
CA GLU A 200 25.00 -26.53 25.52
C GLU A 200 24.56 -25.25 24.83
N VAL A 201 25.47 -24.29 24.70
CA VAL A 201 25.18 -22.96 24.17
C VAL A 201 25.58 -22.90 22.70
N PHE A 202 24.70 -22.36 21.87
CA PHE A 202 24.88 -22.39 20.42
C PHE A 202 24.75 -21.03 19.76
N ALA A 203 25.09 -20.99 18.48
CA ALA A 203 24.65 -19.95 17.58
C ALA A 203 23.68 -20.61 16.61
N CYS A 204 22.57 -19.94 16.32
CA CYS A 204 21.53 -20.50 15.47
C CYS A 204 21.01 -19.48 14.48
N GLN A 205 20.75 -19.92 13.25
CA GLN A 205 20.19 -19.07 12.22
C GLN A 205 18.69 -19.28 12.10
N MET A 206 17.94 -18.19 12.01
CA MET A 206 16.52 -18.25 11.68
C MET A 206 16.44 -18.59 10.19
N LYS A 207 15.89 -19.78 9.90
CA LYS A 207 16.01 -20.37 8.57
C LYS A 207 15.38 -19.56 7.43
N ALA A 208 14.11 -19.21 7.60
CA ALA A 208 13.36 -18.51 6.55
C ALA A 208 13.98 -17.18 6.19
N THR A 209 14.22 -16.36 7.21
CA THR A 209 14.79 -15.03 7.01
C THR A 209 16.28 -15.10 6.74
N GLY A 210 17.00 -15.76 7.65
CA GLY A 210 18.47 -15.85 7.58
C GLY A 210 19.14 -14.91 8.56
N LYS A 211 18.61 -14.84 9.79
CA LYS A 211 19.22 -14.04 10.86
C LYS A 211 19.82 -14.94 11.93
N LEU A 212 20.93 -14.49 12.51
CA LEU A 212 21.72 -15.27 13.45
C LEU A 212 21.32 -14.96 14.88
N TYR A 213 21.47 -15.94 15.76
CA TYR A 213 21.10 -15.78 17.16
C TYR A 213 21.83 -16.79 18.03
N ALA A 214 22.34 -16.31 19.16
CA ALA A 214 22.83 -17.19 20.20
C ALA A 214 21.63 -17.71 20.97
N CYS A 215 21.36 -19.02 20.88
CA CYS A 215 20.22 -19.64 21.56
C CYS A 215 20.71 -20.62 22.62
N LYS A 216 20.54 -20.25 23.89
CA LYS A 216 21.06 -21.00 25.04
C LYS A 216 20.18 -22.24 25.30
N LYS A 217 20.79 -23.43 25.30
CA LYS A 217 20.04 -24.68 25.40
C LYS A 217 20.41 -25.48 26.64
N LEU A 218 19.40 -26.08 27.27
CA LEU A 218 19.51 -26.65 28.62
C LEU A 218 18.99 -28.08 28.64
N ASN A 219 19.77 -28.99 29.24
CA ASN A 219 19.31 -30.36 29.46
C ASN A 219 18.20 -30.39 30.52
N LYS A 220 16.96 -30.59 30.07
CA LYS A 220 15.78 -30.52 30.94
C LYS A 220 15.91 -31.36 32.22
N LYS A 221 16.37 -32.60 32.07
CA LYS A 221 16.47 -33.54 33.19
C LYS A 221 17.43 -33.04 34.27
N ARG A 222 18.50 -32.39 33.83
CA ARG A 222 19.47 -31.78 34.74
C ARG A 222 18.89 -30.55 35.43
N LEU A 223 17.95 -29.89 34.77
CA LEU A 223 17.31 -28.69 35.30
C LEU A 223 16.42 -29.05 36.49
N LYS A 224 15.50 -29.99 36.28
CA LYS A 224 14.66 -30.49 37.36
C LYS A 224 15.50 -31.20 38.42
N LYS A 225 16.69 -31.67 38.02
CA LYS A 225 17.61 -32.35 38.94
C LYS A 225 18.17 -31.43 40.05
N ARG A 226 18.04 -30.12 39.90
CA ARG A 226 18.63 -29.18 40.86
C ARG A 226 17.66 -28.10 41.38
N LYS A 227 16.37 -28.25 41.10
CA LYS A 227 15.39 -27.20 41.36
C LYS A 227 15.93 -25.85 40.90
N GLY A 228 16.55 -25.84 39.72
CA GLY A 228 17.09 -24.62 39.11
C GLY A 228 16.06 -23.92 38.23
N TYR A 229 14.79 -24.25 38.44
CA TYR A 229 13.65 -23.60 37.78
C TYR A 229 13.66 -22.09 38.00
N GLN A 230 13.71 -21.70 39.27
CA GLN A 230 13.42 -20.33 39.72
C GLN A 230 14.45 -19.27 39.27
N GLY A 231 15.71 -19.67 39.17
CA GLY A 231 16.77 -18.77 38.71
C GLY A 231 16.73 -18.50 37.22
N ALA A 232 16.14 -19.41 36.46
CA ALA A 232 16.08 -19.31 34.99
C ALA A 232 14.87 -18.51 34.50
N MET A 233 13.69 -18.80 35.04
CA MET A 233 12.46 -18.11 34.62
C MET A 233 12.51 -16.62 35.01
N VAL A 234 12.94 -16.34 36.23
CA VAL A 234 13.23 -14.96 36.66
C VAL A 234 14.16 -14.30 35.64
N GLU A 235 15.15 -15.07 35.20
CA GLU A 235 16.08 -14.64 34.17
C GLU A 235 15.40 -14.49 32.80
N LYS A 236 14.44 -15.37 32.48
CA LYS A 236 13.67 -15.27 31.23
C LYS A 236 12.67 -14.11 31.26
N LYS A 237 11.89 -14.03 32.34
CA LYS A 237 10.84 -13.01 32.48
C LYS A 237 11.32 -11.59 32.22
N ILE A 238 12.59 -11.31 32.51
CA ILE A 238 13.14 -9.97 32.36
C ILE A 238 13.92 -9.78 31.05
N LEU A 239 14.30 -10.88 30.40
CA LEU A 239 14.99 -10.81 29.10
C LEU A 239 14.07 -10.25 28.02
N ALA A 240 12.88 -10.84 27.89
CA ALA A 240 11.91 -10.42 26.87
C ALA A 240 11.34 -9.02 27.15
N LYS A 241 11.41 -8.58 28.41
CA LYS A 241 10.87 -7.28 28.82
C LYS A 241 11.83 -6.11 28.54
N VAL A 242 13.07 -6.40 28.16
CA VAL A 242 14.08 -5.36 27.92
C VAL A 242 14.72 -5.45 26.53
N HIS A 243 14.95 -4.28 25.92
CA HIS A 243 15.73 -4.19 24.68
C HIS A 243 16.76 -3.08 24.79
N SER A 244 17.86 -3.40 25.46
CA SER A 244 19.02 -2.53 25.57
C SER A 244 20.20 -3.24 24.94
N ARG A 245 20.86 -2.58 23.99
CA ARG A 245 21.96 -3.20 23.24
C ARG A 245 23.27 -3.32 24.04
N PHE A 246 23.16 -3.28 25.38
CA PHE A 246 24.23 -3.71 26.28
C PHE A 246 23.71 -4.86 27.14
N ILE A 247 22.55 -5.39 26.76
CA ILE A 247 21.92 -6.51 27.44
C ILE A 247 21.48 -7.48 26.37
N VAL A 248 21.78 -8.77 26.57
CA VAL A 248 21.37 -9.80 25.61
C VAL A 248 19.86 -9.74 25.39
N SER A 249 19.44 -9.27 24.22
CA SER A 249 18.02 -9.11 23.90
C SER A 249 17.42 -10.44 23.42
N LEU A 250 16.55 -11.04 24.23
CA LEU A 250 15.89 -12.31 23.88
C LEU A 250 14.83 -12.11 22.82
N ALA A 251 14.82 -12.98 21.81
CA ALA A 251 13.88 -12.89 20.70
C ALA A 251 12.79 -13.96 20.79
N TYR A 252 13.16 -15.17 21.15
CA TYR A 252 12.24 -16.29 21.10
C TYR A 252 12.34 -17.15 22.34
N ALA A 253 11.36 -18.04 22.48
CA ALA A 253 11.32 -19.00 23.58
C ALA A 253 10.47 -20.21 23.18
N PHE A 254 11.05 -21.41 23.24
CA PHE A 254 10.38 -22.63 22.80
C PHE A 254 10.81 -23.89 23.57
N GLU A 255 10.13 -25.01 23.31
CA GLU A 255 10.51 -26.32 23.88
C GLU A 255 10.74 -27.37 22.78
N THR A 256 11.92 -27.98 22.79
CA THR A 256 12.26 -29.03 21.83
C THR A 256 11.75 -30.38 22.34
N LYS A 257 12.53 -30.98 23.24
CA LYS A 257 12.21 -32.28 23.84
C LYS A 257 13.26 -32.59 24.88
N THR A 258 14.52 -32.57 24.46
CA THR A 258 15.65 -32.71 25.36
C THR A 258 15.99 -31.39 26.05
N ASP A 259 15.85 -30.28 25.32
CA ASP A 259 16.28 -28.96 25.81
C ASP A 259 15.19 -27.88 25.73
N LEU A 260 15.35 -26.85 26.56
CA LEU A 260 14.59 -25.60 26.44
C LEU A 260 15.55 -24.51 25.96
N CYS A 261 15.06 -23.59 25.13
CA CYS A 261 15.95 -22.60 24.47
C CYS A 261 15.46 -21.15 24.57
N LEU A 262 16.38 -20.22 24.28
CA LEU A 262 16.09 -18.79 24.31
C LEU A 262 17.05 -18.02 23.41
N VAL A 263 16.59 -17.67 22.22
CA VAL A 263 17.39 -16.92 21.27
C VAL A 263 17.75 -15.52 21.81
N MET A 264 19.05 -15.18 21.77
CA MET A 264 19.53 -13.84 22.14
C MET A 264 20.56 -13.33 21.11
N THR A 265 20.77 -12.02 21.09
CA THR A 265 21.54 -11.36 20.00
C THR A 265 23.04 -11.70 20.07
N ILE A 266 23.43 -12.72 19.33
CA ILE A 266 24.83 -13.16 19.13
C ILE A 266 26.00 -12.27 19.62
N MET A 267 27.04 -12.91 20.18
CA MET A 267 28.34 -12.27 20.45
C MET A 267 29.47 -13.29 20.21
N ASN A 268 30.43 -12.96 19.32
CA ASN A 268 31.51 -13.90 18.92
C ASN A 268 32.84 -13.76 19.70
N GLY A 269 33.83 -13.10 19.10
CA GLY A 269 35.24 -13.14 19.57
C GLY A 269 35.50 -13.87 20.87
N GLY A 270 35.06 -13.23 21.96
CA GLY A 270 35.16 -13.80 23.30
C GLY A 270 34.66 -12.81 24.35
N ASP A 271 34.95 -13.10 25.61
CA ASP A 271 34.58 -12.21 26.72
C ASP A 271 35.73 -11.23 27.01
N ILE A 272 35.57 -10.35 28.02
CA ILE A 272 36.54 -9.29 28.26
C ILE A 272 37.84 -9.81 28.90
N ARG A 273 37.75 -10.78 29.81
CA ARG A 273 38.97 -11.42 30.37
C ARG A 273 39.83 -11.97 29.22
N TYR A 274 39.17 -12.69 28.32
CA TYR A 274 39.79 -13.16 27.07
C TYR A 274 40.70 -12.08 26.47
N HIS A 275 40.24 -10.83 26.53
CA HIS A 275 41.00 -9.69 26.01
C HIS A 275 41.94 -9.08 27.04
N ILE A 276 41.42 -8.74 28.22
CA ILE A 276 42.22 -8.09 29.27
C ILE A 276 43.57 -8.80 29.45
N TYR A 277 43.49 -10.08 29.76
CA TYR A 277 44.65 -10.89 30.14
C TYR A 277 45.36 -11.52 28.92
N ASN A 278 44.59 -12.03 27.97
CA ASN A 278 45.13 -12.89 26.91
C ASN A 278 45.06 -12.37 25.46
N VAL A 279 44.70 -11.10 25.24
CA VAL A 279 44.80 -10.51 23.89
C VAL A 279 46.26 -10.20 23.55
N ASP A 280 46.83 -9.22 24.25
CA ASP A 280 48.22 -8.84 24.08
C ASP A 280 48.94 -9.14 25.40
N GLU A 281 49.89 -10.07 25.35
CA GLU A 281 50.51 -10.61 26.57
C GLU A 281 51.46 -9.63 27.24
N ASP A 282 52.51 -9.22 26.52
CA ASP A 282 53.52 -8.31 27.08
C ASP A 282 53.01 -6.86 27.26
N ASN A 283 51.90 -6.52 26.61
CA ASN A 283 51.15 -5.29 26.90
C ASN A 283 49.80 -5.65 27.53
N PRO A 284 49.82 -6.00 28.83
CA PRO A 284 48.59 -6.47 29.48
C PRO A 284 47.56 -5.37 29.67
N GLY A 285 46.28 -5.74 29.68
CA GLY A 285 45.19 -4.78 29.87
C GLY A 285 44.90 -3.99 28.61
N PHE A 286 44.17 -2.89 28.76
CA PHE A 286 43.73 -2.06 27.63
C PHE A 286 44.32 -0.64 27.67
N GLN A 287 44.08 0.11 26.59
CA GLN A 287 44.49 1.52 26.49
C GLN A 287 43.46 2.40 27.25
N GLU A 288 43.37 3.69 26.90
CA GLU A 288 42.43 4.59 27.58
C GLU A 288 41.04 4.73 26.91
N PRO A 289 40.99 5.01 25.58
CA PRO A 289 39.67 5.07 24.93
C PRO A 289 39.00 3.70 24.74
N ARG A 290 39.79 2.62 24.82
CA ARG A 290 39.26 1.25 24.70
C ARG A 290 38.44 0.86 25.94
N ALA A 291 39.01 1.10 27.12
CA ALA A 291 38.30 0.83 28.37
C ALA A 291 37.13 1.79 28.60
N ILE A 292 37.35 3.07 28.27
CA ILE A 292 36.30 4.10 28.35
C ILE A 292 35.06 3.71 27.53
N PHE A 293 35.28 3.37 26.26
CA PHE A 293 34.20 2.98 25.34
C PHE A 293 33.35 1.83 25.91
N TYR A 294 33.99 0.85 26.52
CA TYR A 294 33.27 -0.29 27.10
C TYR A 294 32.57 0.10 28.40
N THR A 295 33.24 0.90 29.23
CA THR A 295 32.67 1.36 30.50
C THR A 295 31.38 2.14 30.29
N ALA A 296 31.32 2.93 29.22
CA ALA A 296 30.12 3.71 28.89
C ALA A 296 28.97 2.80 28.46
N GLN A 297 29.25 1.85 27.56
CA GLN A 297 28.23 0.88 27.13
C GLN A 297 27.65 0.12 28.32
N ILE A 298 28.48 -0.13 29.34
CA ILE A 298 28.03 -0.78 30.57
C ILE A 298 27.10 0.12 31.37
N VAL A 299 27.46 1.40 31.48
CA VAL A 299 26.67 2.37 32.27
C VAL A 299 25.21 2.37 31.87
N SER A 300 24.96 2.29 30.57
CA SER A 300 23.60 2.33 30.03
C SER A 300 22.87 0.98 30.13
N GLY A 301 23.64 -0.11 30.13
CA GLY A 301 23.07 -1.44 30.31
C GLY A 301 22.51 -1.61 31.71
N LEU A 302 23.28 -1.14 32.70
CA LEU A 302 22.85 -1.15 34.10
C LEU A 302 21.70 -0.18 34.37
N GLU A 303 21.68 0.94 33.66
CA GLU A 303 20.56 1.89 33.72
C GLU A 303 19.25 1.18 33.40
N HIS A 304 19.28 0.42 32.31
CA HIS A 304 18.11 -0.35 31.90
C HIS A 304 17.82 -1.44 32.92
N LEU A 305 18.87 -2.10 33.40
CA LEU A 305 18.75 -3.12 34.44
C LEU A 305 17.96 -2.59 35.61
N HIS A 306 18.32 -1.40 36.05
CA HIS A 306 17.81 -0.86 37.30
C HIS A 306 16.57 0.03 37.11
N GLN A 307 16.34 0.51 35.89
CA GLN A 307 15.11 1.24 35.59
C GLN A 307 13.87 0.41 35.91
N ARG A 308 13.99 -0.90 35.77
CA ARG A 308 12.89 -1.84 36.06
C ARG A 308 13.01 -2.48 37.45
N ASN A 309 13.84 -1.89 38.31
CA ASN A 309 14.11 -2.43 39.65
C ASN A 309 14.63 -3.87 39.62
N ILE A 310 15.85 -4.06 39.13
CA ILE A 310 16.46 -5.41 39.02
C ILE A 310 17.97 -5.35 39.25
N ILE A 311 18.52 -6.38 39.89
CA ILE A 311 19.94 -6.41 40.26
C ILE A 311 20.71 -7.46 39.46
N TYR A 312 22.00 -7.20 39.24
CA TYR A 312 22.90 -8.13 38.56
C TYR A 312 23.86 -8.78 39.55
N ARG A 313 24.28 -8.02 40.56
CA ARG A 313 25.11 -8.51 41.67
C ARG A 313 26.52 -8.92 41.25
N ASP A 314 26.58 -9.91 40.38
CA ASP A 314 27.83 -10.40 39.83
C ASP A 314 28.12 -9.72 38.50
N LEU A 315 29.05 -8.76 38.50
CA LEU A 315 29.44 -8.02 37.30
C LEU A 315 30.97 -8.05 37.13
N LYS A 316 31.43 -8.59 36.00
CA LYS A 316 32.88 -8.75 35.76
C LYS A 316 33.22 -8.91 34.26
N PRO A 317 34.52 -8.82 33.90
CA PRO A 317 34.91 -8.83 32.49
C PRO A 317 34.47 -10.10 31.76
N GLU A 318 34.78 -11.25 32.34
CA GLU A 318 34.37 -12.53 31.77
C GLU A 318 32.84 -12.65 31.69
N ASN A 319 32.13 -11.84 32.47
CA ASN A 319 30.68 -11.69 32.33
C ASN A 319 30.30 -10.46 31.48
N VAL A 320 31.13 -10.18 30.47
CA VAL A 320 30.85 -9.15 29.46
C VAL A 320 31.46 -9.61 28.14
N LEU A 321 30.70 -9.53 27.05
CA LEU A 321 31.11 -10.07 25.74
C LEU A 321 31.42 -8.96 24.71
N LEU A 322 31.86 -9.37 23.53
CA LEU A 322 32.12 -8.47 22.41
C LEU A 322 31.68 -9.10 21.09
N ASP A 323 30.81 -8.42 20.36
CA ASP A 323 30.31 -8.93 19.07
C ASP A 323 31.25 -8.61 17.91
N ASP A 324 30.93 -9.15 16.74
CA ASP A 324 31.69 -8.90 15.51
C ASP A 324 31.68 -7.41 15.12
N ASP A 325 30.59 -6.73 15.44
CA ASP A 325 30.44 -5.31 15.12
C ASP A 325 31.19 -4.42 16.11
N GLY A 326 31.39 -4.89 17.34
CA GLY A 326 32.21 -4.19 18.34
C GLY A 326 31.45 -3.45 19.43
N ASN A 327 30.15 -3.73 19.56
CA ASN A 327 29.35 -3.19 20.66
C ASN A 327 29.07 -4.27 21.69
N VAL A 328 29.52 -4.03 22.91
CA VAL A 328 29.47 -5.04 23.98
C VAL A 328 28.09 -5.18 24.63
N ARG A 329 27.92 -6.26 25.39
CA ARG A 329 26.73 -6.50 26.22
C ARG A 329 27.15 -7.10 27.57
N ILE A 330 26.18 -7.42 28.42
CA ILE A 330 26.43 -8.11 29.70
C ILE A 330 25.70 -9.46 29.72
N SER A 331 26.34 -10.48 30.32
CA SER A 331 25.94 -11.89 30.11
C SER A 331 25.92 -12.79 31.38
N ASP A 332 25.32 -13.97 31.22
CA ASP A 332 25.18 -14.98 32.29
C ASP A 332 24.41 -14.44 33.49
N LEU A 333 23.15 -14.86 33.63
CA LEU A 333 22.20 -14.19 34.52
C LEU A 333 21.51 -15.12 35.52
N GLY A 334 22.26 -16.07 36.07
CA GLY A 334 21.81 -16.81 37.25
C GLY A 334 21.64 -15.80 38.38
N LEU A 335 22.70 -15.02 38.62
CA LEU A 335 22.67 -13.88 39.53
C LEU A 335 21.92 -12.72 38.87
N ALA A 336 20.60 -12.87 38.82
CA ALA A 336 19.73 -11.86 38.26
C ALA A 336 18.44 -11.89 39.07
N VAL A 337 18.56 -11.48 40.32
CA VAL A 337 17.41 -11.44 41.24
C VAL A 337 16.52 -10.24 40.92
N GLU A 338 15.20 -10.42 41.12
CA GLU A 338 14.19 -9.41 40.81
C GLU A 338 13.69 -8.71 42.10
N LEU A 339 13.54 -7.39 42.05
CA LEU A 339 12.86 -6.65 43.12
C LEU A 339 11.39 -6.40 42.71
N LYS A 340 10.50 -6.56 43.68
CA LYS A 340 9.06 -6.59 43.43
C LYS A 340 8.48 -5.17 43.40
N ALA A 341 7.25 -5.00 43.90
CA ALA A 341 6.60 -3.69 43.93
C ALA A 341 6.07 -3.38 45.33
N GLY A 342 6.47 -2.23 45.87
CA GLY A 342 6.08 -1.82 47.22
C GLY A 342 7.18 -2.05 48.24
N GLN A 343 8.07 -3.01 47.96
CA GLN A 343 9.19 -3.34 48.85
C GLN A 343 10.36 -2.40 48.56
N THR A 344 11.31 -2.35 49.50
CA THR A 344 12.47 -1.44 49.40
C THR A 344 13.78 -2.16 49.03
N LYS A 345 14.10 -3.25 49.72
CA LYS A 345 15.41 -3.92 49.56
C LYS A 345 15.32 -5.46 49.64
N THR A 346 16.43 -6.12 49.32
CA THR A 346 16.51 -7.60 49.38
C THR A 346 17.90 -8.05 49.88
N LYS A 347 17.94 -9.23 50.52
CA LYS A 347 19.13 -9.69 51.26
C LYS A 347 19.73 -10.98 50.71
N GLY A 348 20.92 -11.34 51.19
CA GLY A 348 21.55 -12.62 50.83
C GLY A 348 23.06 -12.66 51.00
N TYR A 349 23.65 -13.75 50.51
CA TYR A 349 25.11 -13.97 50.52
C TYR A 349 25.49 -14.84 49.32
N ALA A 350 25.94 -14.21 48.24
CA ALA A 350 26.38 -14.92 47.02
C ALA A 350 26.86 -13.93 45.95
N GLY A 351 27.72 -14.42 45.05
CA GLY A 351 28.29 -13.57 43.99
C GLY A 351 29.72 -13.97 43.65
N THR A 352 30.61 -12.98 43.57
CA THR A 352 32.03 -13.21 43.31
C THR A 352 32.91 -12.36 44.23
N PRO A 353 33.77 -13.00 45.05
CA PRO A 353 34.71 -12.30 45.94
C PRO A 353 35.53 -11.20 45.26
N GLY A 354 35.18 -9.94 45.56
CA GLY A 354 35.82 -8.78 44.93
C GLY A 354 34.78 -7.92 44.24
N PHE A 355 33.81 -8.55 43.60
CA PHE A 355 32.75 -7.86 42.87
C PHE A 355 31.44 -7.83 43.66
N MET A 356 31.43 -8.50 44.80
CA MET A 356 30.47 -8.20 45.85
C MET A 356 30.77 -6.80 46.36
N ALA A 357 29.78 -6.14 46.94
CA ALA A 357 30.00 -4.89 47.64
C ALA A 357 30.47 -5.15 49.08
N PRO A 358 30.98 -4.10 49.77
CA PRO A 358 31.23 -4.15 51.21
C PRO A 358 29.99 -4.55 52.01
N GLU A 359 28.85 -3.94 51.71
CA GLU A 359 27.59 -4.24 52.39
C GLU A 359 26.93 -5.54 51.89
N LEU A 360 27.56 -6.18 50.91
CA LEU A 360 27.11 -7.46 50.39
C LEU A 360 27.80 -8.61 51.13
N LEU A 361 29.06 -8.39 51.54
CA LEU A 361 29.86 -9.43 52.21
C LEU A 361 29.45 -9.68 53.66
N LEU A 362 29.12 -8.62 54.39
CA LEU A 362 28.61 -8.76 55.77
C LEU A 362 27.24 -9.44 55.79
N GLY A 363 26.44 -9.20 54.75
CA GLY A 363 25.14 -9.84 54.60
C GLY A 363 23.99 -8.95 55.05
N GLU A 364 24.03 -7.69 54.61
CA GLU A 364 23.03 -6.69 55.01
C GLU A 364 22.10 -6.36 53.83
N GLU A 365 21.25 -5.34 53.99
CA GLU A 365 20.36 -4.87 52.92
C GLU A 365 21.12 -3.90 52.00
N TYR A 366 21.23 -4.26 50.72
CA TYR A 366 22.08 -3.52 49.77
C TYR A 366 21.31 -3.07 48.51
N ASP A 367 21.65 -1.88 48.02
CA ASP A 367 21.07 -1.35 46.77
C ASP A 367 21.83 -1.90 45.56
N PHE A 368 21.47 -1.44 44.36
CA PHE A 368 22.04 -1.97 43.12
C PHE A 368 23.53 -1.71 42.97
N SER A 369 24.07 -0.73 43.71
CA SER A 369 25.45 -0.30 43.54
C SER A 369 26.53 -1.31 43.97
N VAL A 370 26.13 -2.51 44.41
CA VAL A 370 27.05 -3.64 44.53
C VAL A 370 27.51 -4.05 43.13
N ASP A 371 26.66 -3.78 42.14
CA ASP A 371 27.02 -3.91 40.72
C ASP A 371 27.99 -2.79 40.35
N TYR A 372 27.63 -1.56 40.70
CA TYR A 372 28.46 -0.38 40.44
C TYR A 372 29.79 -0.43 41.20
N PHE A 373 29.78 -1.08 42.36
CA PHE A 373 31.00 -1.41 43.07
C PHE A 373 31.77 -2.48 42.29
N ALA A 374 31.06 -3.52 41.85
CA ALA A 374 31.64 -4.56 41.01
C ALA A 374 32.24 -3.97 39.73
N LEU A 375 31.52 -3.03 39.11
CA LEU A 375 32.00 -2.33 37.92
C LEU A 375 33.33 -1.63 38.16
N GLY A 376 33.45 -0.95 39.31
CA GLY A 376 34.69 -0.30 39.69
C GLY A 376 35.85 -1.28 39.72
N VAL A 377 35.62 -2.45 40.31
CA VAL A 377 36.62 -3.52 40.36
C VAL A 377 36.92 -4.03 38.96
N THR A 378 35.88 -4.13 38.14
CA THR A 378 36.01 -4.57 36.75
C THR A 378 36.82 -3.56 35.93
N LEU A 379 36.44 -2.29 36.03
CA LEU A 379 37.14 -1.21 35.34
C LEU A 379 38.62 -1.17 35.73
N TYR A 380 38.91 -1.50 36.98
CA TYR A 380 40.29 -1.60 37.44
C TYR A 380 40.97 -2.78 36.78
N GLU A 381 40.37 -3.96 36.92
CA GLU A 381 40.92 -5.20 36.35
C GLU A 381 40.99 -5.12 34.82
N MET A 382 40.17 -4.24 34.23
CA MET A 382 40.31 -3.88 32.80
C MET A 382 41.67 -3.23 32.56
N ILE A 383 41.95 -2.14 33.26
CA ILE A 383 43.14 -1.32 33.04
C ILE A 383 44.18 -1.55 34.15
N ALA A 384 44.33 -2.80 34.57
CA ALA A 384 45.31 -3.15 35.61
C ALA A 384 45.93 -4.54 35.45
N ALA A 385 45.15 -5.51 34.97
CA ALA A 385 45.60 -6.89 34.84
C ALA A 385 45.74 -7.57 36.21
N ARG A 386 44.84 -7.21 37.12
CA ARG A 386 44.82 -7.77 38.47
C ARG A 386 43.56 -7.30 39.20
N GLY A 387 43.19 -7.99 40.27
CA GLY A 387 42.14 -7.52 41.16
C GLY A 387 42.63 -6.27 41.88
N PRO A 388 41.74 -5.29 42.11
CA PRO A 388 42.14 -3.96 42.63
C PRO A 388 42.90 -3.97 43.97
N PHE A 389 42.44 -4.79 44.91
CA PHE A 389 43.07 -4.88 46.24
C PHE A 389 44.24 -5.87 46.22
N ARG A 390 44.03 -7.00 45.55
CA ARG A 390 44.97 -8.14 45.57
C ARG A 390 46.20 -7.88 44.70
N ALA A 391 46.99 -8.94 44.53
CA ALA A 391 47.95 -9.02 43.44
C ALA A 391 47.40 -10.01 42.42
N ARG A 392 47.85 -9.88 41.17
CA ARG A 392 47.39 -10.73 40.06
C ARG A 392 47.47 -12.21 40.40
N GLY A 393 46.35 -12.93 40.25
CA GLY A 393 46.33 -14.38 40.41
C GLY A 393 46.69 -14.86 41.81
N VAL A 396 44.52 -15.81 47.50
CA VAL A 396 44.13 -15.65 48.90
C VAL A 396 42.74 -16.22 49.15
N GLU A 397 42.43 -16.48 50.41
CA GLU A 397 41.12 -17.00 50.78
C GLU A 397 40.09 -15.89 50.71
N ASN A 398 38.85 -16.24 51.02
CA ASN A 398 37.75 -15.31 50.89
C ASN A 398 37.58 -14.43 52.14
N LYS A 399 38.32 -14.71 53.21
CA LYS A 399 38.27 -13.87 54.42
C LYS A 399 39.14 -12.61 54.24
N GLU A 400 40.36 -12.75 53.75
CA GLU A 400 41.22 -11.59 53.49
C GLU A 400 40.68 -10.79 52.30
N LEU A 401 40.09 -11.48 51.33
CA LEU A 401 39.45 -10.83 50.20
C LEU A 401 38.25 -10.01 50.65
N LYS A 402 37.53 -10.49 51.66
CA LYS A 402 36.42 -9.75 52.28
C LYS A 402 36.94 -8.58 53.13
N GLN A 403 38.02 -8.81 53.87
CA GLN A 403 38.65 -7.76 54.69
C GLN A 403 39.27 -6.65 53.84
N ARG A 404 39.69 -7.00 52.62
CA ARG A 404 40.20 -6.04 51.66
C ARG A 404 39.07 -5.43 50.82
N VAL A 405 37.95 -6.13 50.72
CA VAL A 405 36.75 -5.57 50.09
C VAL A 405 36.15 -4.41 50.91
N LEU A 406 36.20 -4.54 52.24
CA LEU A 406 35.59 -3.57 53.14
C LEU A 406 36.52 -2.40 53.47
N GLU A 407 37.69 -2.71 54.02
CA GLU A 407 38.59 -1.69 54.59
C GLU A 407 39.50 -1.00 53.58
N GLN A 408 40.42 -1.77 52.99
CA GLN A 408 41.54 -1.23 52.21
C GLN A 408 41.08 -0.31 51.06
N ALA A 409 41.72 0.86 50.97
CA ALA A 409 41.51 1.79 49.86
C ALA A 409 42.32 1.34 48.65
N VAL A 410 42.17 2.04 47.53
CA VAL A 410 42.83 1.67 46.28
C VAL A 410 44.14 2.44 46.10
N THR A 411 45.27 1.73 46.06
CA THR A 411 46.60 2.35 45.86
C THR A 411 46.98 2.37 44.37
N TYR A 412 46.78 3.53 43.73
CA TYR A 412 46.96 3.67 42.27
C TYR A 412 48.43 3.92 41.86
N PRO A 413 48.83 3.43 40.66
CA PRO A 413 50.14 3.69 40.10
C PRO A 413 50.14 4.86 39.09
N ASP A 414 51.16 4.91 38.22
CA ASP A 414 51.33 6.02 37.29
C ASP A 414 50.46 5.95 36.03
N LYS A 415 50.03 4.74 35.66
CA LYS A 415 49.35 4.52 34.37
C LYS A 415 48.01 5.24 34.20
N PHE A 416 47.36 5.56 35.33
CA PHE A 416 46.03 6.20 35.30
C PHE A 416 46.08 7.68 34.94
N SER A 417 45.11 8.10 34.12
CA SER A 417 44.82 9.52 33.91
C SER A 417 43.93 9.98 35.06
N PRO A 418 43.92 11.29 35.36
CA PRO A 418 43.26 11.80 36.57
C PRO A 418 41.73 11.65 36.58
N ALA A 419 41.11 11.73 35.40
CA ALA A 419 39.66 11.56 35.28
C ALA A 419 39.23 10.17 35.71
N SER A 420 40.06 9.17 35.42
CA SER A 420 39.80 7.79 35.82
C SER A 420 39.98 7.60 37.33
N LYS A 421 41.01 8.24 37.89
CA LYS A 421 41.27 8.14 39.34
C LYS A 421 40.20 8.84 40.17
N ASP A 422 39.75 10.02 39.71
CA ASP A 422 38.72 10.78 40.41
C ASP A 422 37.35 10.08 40.35
N PHE A 423 37.15 9.24 39.32
CA PHE A 423 35.89 8.54 39.11
C PHE A 423 35.83 7.18 39.81
N CYS A 424 36.92 6.43 39.76
CA CYS A 424 37.01 5.13 40.43
C CYS A 424 36.96 5.24 41.95
N GLU A 425 37.41 6.36 42.49
CA GLU A 425 37.26 6.66 43.93
C GLU A 425 35.79 6.75 44.35
N ALA A 426 34.90 7.04 43.39
CA ALA A 426 33.46 7.09 43.66
C ALA A 426 32.85 5.69 43.76
N LEU A 427 33.16 4.83 42.79
CA LEU A 427 32.61 3.47 42.74
C LEU A 427 33.10 2.57 43.87
N LEU A 428 34.36 2.76 44.28
CA LEU A 428 35.02 1.88 45.25
C LEU A 428 34.93 2.38 46.69
N GLN A 429 33.95 3.23 46.99
CA GLN A 429 33.74 3.72 48.34
C GLN A 429 33.31 2.57 49.26
N LYS A 430 33.55 2.73 50.56
CA LYS A 430 33.35 1.62 51.50
C LYS A 430 31.91 1.53 51.98
N ASP A 431 31.06 2.45 51.52
CA ASP A 431 29.63 2.43 51.81
C ASP A 431 28.82 2.80 50.56
N PRO A 432 27.51 2.49 50.54
CA PRO A 432 26.69 2.67 49.33
C PRO A 432 25.99 4.04 49.14
N GLU A 433 25.95 4.88 50.19
CA GLU A 433 25.29 6.19 50.09
C GLU A 433 26.17 7.28 49.45
N LYS A 434 27.49 7.11 49.51
CA LYS A 434 28.45 8.04 48.89
C LYS A 434 28.89 7.58 47.50
N ARG A 435 28.59 6.31 47.16
CA ARG A 435 28.90 5.73 45.84
C ARG A 435 27.78 6.04 44.85
N LEU A 436 28.15 6.62 43.70
CA LEU A 436 27.18 7.06 42.70
C LEU A 436 26.37 5.90 42.12
N GLY A 437 25.33 5.50 42.85
CA GLY A 437 24.49 4.38 42.45
C GLY A 437 23.31 4.85 41.63
N PHE A 438 22.20 4.13 41.74
CA PHE A 438 21.00 4.44 40.98
C PHE A 438 20.24 5.57 41.68
N ARG A 439 20.32 6.77 41.11
CA ARG A 439 19.70 7.94 41.70
C ARG A 439 18.91 8.74 40.66
N ASP A 440 17.71 9.15 41.05
CA ASP A 440 16.80 9.96 40.21
C ASP A 440 16.07 9.17 39.12
N GLY A 441 16.35 7.87 38.99
CA GLY A 441 15.71 7.03 37.98
C GLY A 441 16.59 6.66 36.80
N SER A 442 17.63 7.45 36.55
CA SER A 442 18.63 7.14 35.53
C SER A 442 20.00 7.66 35.96
N CYS A 443 21.04 7.26 35.23
CA CYS A 443 22.39 7.71 35.52
C CYS A 443 22.66 9.12 34.98
N ASP A 444 21.69 10.03 35.16
CA ASP A 444 21.83 11.41 34.69
C ASP A 444 22.87 12.18 35.51
N GLY A 445 23.12 11.74 36.75
CA GLY A 445 24.19 12.31 37.58
C GLY A 445 25.55 11.72 37.25
N LEU A 446 25.54 10.48 36.78
CA LEU A 446 26.75 9.79 36.36
C LEU A 446 27.27 10.35 35.03
N ARG A 447 26.36 10.48 34.06
CA ARG A 447 26.69 10.92 32.70
C ARG A 447 27.38 12.29 32.62
N THR A 448 27.20 13.13 33.65
CA THR A 448 27.88 14.43 33.74
C THR A 448 29.37 14.29 34.01
N HIS A 449 29.75 13.24 34.73
CA HIS A 449 31.11 13.12 35.27
C HIS A 449 32.21 13.32 34.21
N PRO A 450 33.24 14.13 34.54
CA PRO A 450 34.39 14.47 33.70
C PRO A 450 34.91 13.44 32.68
N LEU A 451 34.93 12.16 33.02
CA LEU A 451 35.55 11.15 32.16
C LEU A 451 34.91 11.00 30.77
N PHE A 452 33.71 11.54 30.60
CA PHE A 452 32.99 11.48 29.32
C PHE A 452 32.80 12.87 28.74
N ARG A 453 33.87 13.41 28.15
CA ARG A 453 33.85 14.71 27.48
C ARG A 453 33.71 14.44 25.99
N ASP A 454 34.64 13.63 25.49
CA ASP A 454 34.63 13.19 24.09
C ASP A 454 33.29 12.58 23.73
N ILE A 455 32.82 11.69 24.60
CA ILE A 455 31.61 10.92 24.35
C ILE A 455 30.36 11.74 24.71
N SER A 456 29.62 12.16 23.68
CA SER A 456 28.31 12.77 23.88
C SER A 456 27.29 11.65 24.08
N TRP A 457 26.41 11.83 25.06
CA TRP A 457 25.58 10.73 25.54
C TRP A 457 24.33 10.50 24.71
N ARG A 458 24.56 10.10 23.46
CA ARG A 458 23.49 9.81 22.51
C ARG A 458 23.89 8.70 21.55
N GLN A 459 24.98 8.91 20.83
CA GLN A 459 25.41 8.01 19.76
C GLN A 459 25.64 6.57 20.20
N LEU A 460 26.15 6.38 21.42
CA LEU A 460 26.41 5.05 21.94
C LEU A 460 25.12 4.25 22.15
N GLU A 461 24.04 4.95 22.48
CA GLU A 461 22.73 4.31 22.68
C GLU A 461 22.09 3.89 21.35
N ALA A 462 22.56 4.46 20.25
CA ALA A 462 22.02 4.17 18.91
C ALA A 462 22.78 3.02 18.25
N GLY A 463 24.08 3.19 18.08
CA GLY A 463 24.94 2.20 17.42
C GLY A 463 25.50 2.74 16.11
N MET A 464 26.34 3.76 16.22
CA MET A 464 27.04 4.34 15.05
C MET A 464 28.52 4.69 15.29
N LEU A 465 29.01 4.55 16.53
CA LEU A 465 30.40 4.92 16.87
C LEU A 465 31.38 3.77 16.54
N THR A 466 32.45 4.11 15.80
CA THR A 466 33.50 3.14 15.46
C THR A 466 34.21 2.64 16.73
N PRO A 467 33.94 1.38 17.15
CA PRO A 467 34.54 0.92 18.39
C PRO A 467 36.07 0.79 18.30
N PRO A 468 36.78 1.04 19.42
CA PRO A 468 38.24 1.10 19.44
C PRO A 468 39.01 -0.22 19.22
N PHE A 469 38.33 -1.31 18.84
CA PHE A 469 39.01 -2.52 18.37
C PHE A 469 38.04 -3.45 17.62
N VAL A 470 38.19 -3.53 16.30
CA VAL A 470 37.41 -4.46 15.47
C VAL A 470 38.09 -5.83 15.47
N PRO A 471 37.30 -6.92 15.62
CA PRO A 471 37.90 -8.25 15.77
C PRO A 471 38.16 -9.02 14.47
N ASP A 472 38.75 -10.21 14.59
CA ASP A 472 39.02 -11.12 13.46
C ASP A 472 37.88 -12.17 13.30
N SER A 473 37.31 -12.30 12.09
CA SER A 473 36.06 -13.09 11.85
C SER A 473 36.20 -14.29 10.89
N ARG A 474 35.52 -15.39 11.22
CA ARG A 474 35.39 -16.57 10.33
C ARG A 474 34.44 -17.61 10.93
N ALA A 494 11.08 -40.59 34.11
CA ALA A 494 9.75 -40.27 33.58
C ALA A 494 9.19 -38.98 34.22
N PHE A 495 8.34 -38.27 33.48
CA PHE A 495 7.84 -36.94 33.87
C PHE A 495 6.45 -36.96 34.54
N GLU A 496 6.21 -35.96 35.39
CA GLU A 496 4.88 -35.69 35.97
C GLU A 496 4.21 -34.56 35.18
N LYS A 497 3.02 -34.13 35.60
CA LYS A 497 2.30 -33.04 34.92
C LYS A 497 2.93 -31.65 35.15
N ALA A 498 3.43 -31.42 36.35
CA ALA A 498 3.96 -30.09 36.73
C ALA A 498 5.08 -29.56 35.83
N ASP A 499 5.69 -30.42 35.03
CA ASP A 499 6.86 -30.07 34.22
C ASP A 499 6.50 -29.75 32.77
N THR A 500 5.67 -30.60 32.16
CA THR A 500 5.22 -30.38 30.77
C THR A 500 4.21 -29.23 30.65
N GLU A 501 3.49 -28.94 31.74
CA GLU A 501 2.64 -27.75 31.80
C GLU A 501 3.50 -26.49 31.90
N PHE A 502 4.68 -26.63 32.53
CA PHE A 502 5.61 -25.52 32.68
C PHE A 502 6.41 -25.22 31.41
N PHE A 503 6.80 -26.26 30.68
CA PHE A 503 7.59 -26.10 29.45
C PHE A 503 6.82 -25.32 28.36
N GLN A 504 5.50 -25.50 28.33
CA GLN A 504 4.63 -24.77 27.40
C GLN A 504 4.23 -23.38 27.93
N GLU A 505 4.20 -23.22 29.25
CA GLU A 505 4.07 -21.89 29.88
C GLU A 505 5.30 -21.05 29.59
N PHE A 506 6.45 -21.63 29.93
CA PHE A 506 7.77 -21.11 29.61
C PHE A 506 7.80 -20.63 28.16
N ALA A 507 7.42 -21.52 27.24
CA ALA A 507 7.41 -21.21 25.82
C ALA A 507 6.21 -20.33 25.44
N SER A 508 6.42 -19.02 25.49
CA SER A 508 5.43 -18.05 25.00
C SER A 508 5.66 -17.75 23.51
N GLY A 509 6.28 -18.69 22.80
CA GLY A 509 6.54 -18.56 21.36
C GLY A 509 7.48 -17.42 21.02
N THR A 510 6.89 -16.24 20.89
CA THR A 510 7.61 -15.06 20.41
C THR A 510 7.85 -14.03 21.50
N CYS A 511 8.93 -13.27 21.34
CA CYS A 511 9.15 -12.04 22.09
C CYS A 511 9.12 -10.93 21.03
N PRO A 512 8.19 -9.95 21.15
CA PRO A 512 7.67 -9.22 19.99
C PRO A 512 8.63 -8.33 19.18
N ILE A 513 9.40 -7.49 19.85
CA ILE A 513 10.06 -6.37 19.18
C ILE A 513 11.34 -6.72 18.40
N PRO A 514 12.26 -7.49 19.02
CA PRO A 514 13.41 -7.96 18.23
C PRO A 514 12.96 -8.75 17.00
N TRP A 515 11.87 -9.50 17.16
CA TRP A 515 11.17 -10.15 16.05
C TRP A 515 10.79 -9.11 15.00
N GLN A 516 10.15 -8.02 15.44
CA GLN A 516 9.79 -6.94 14.54
C GLN A 516 11.02 -6.41 13.81
N GLU A 517 12.07 -6.13 14.58
CA GLU A 517 13.35 -5.67 14.01
C GLU A 517 13.91 -6.63 12.97
N GLU A 518 13.81 -7.93 13.24
CA GLU A 518 14.27 -8.94 12.28
C GLU A 518 13.58 -8.77 10.93
N MET A 519 12.29 -8.47 10.95
CA MET A 519 11.52 -8.36 9.72
C MET A 519 11.89 -7.12 8.92
N ILE A 520 12.16 -6.03 9.63
CA ILE A 520 12.48 -4.75 9.02
C ILE A 520 13.92 -4.69 8.51
N GLU A 521 14.86 -5.19 9.32
CA GLU A 521 16.28 -5.16 8.97
C GLU A 521 16.63 -6.17 7.87
N THR A 522 16.05 -7.35 7.93
CA THR A 522 16.29 -8.40 6.92
C THR A 522 15.57 -8.14 5.60
N GLY A 523 14.66 -7.17 5.58
CA GLY A 523 13.85 -6.87 4.39
C GLY A 523 12.59 -7.70 4.33
N VAL A 524 12.46 -8.67 5.24
CA VAL A 524 11.28 -9.53 5.32
C VAL A 524 10.00 -8.70 5.44
N PHE A 525 10.04 -7.64 6.24
CA PHE A 525 8.96 -6.67 6.28
C PHE A 525 8.80 -6.04 4.92
N GLY A 526 9.90 -5.49 4.40
CA GLY A 526 9.92 -4.74 3.15
C GLY A 526 9.41 -5.48 1.92
N ASP A 527 9.67 -6.78 1.84
CA ASP A 527 9.35 -7.57 0.62
C ASP A 527 8.04 -8.39 0.69
N LEU A 528 7.37 -8.44 1.84
CA LEU A 528 5.99 -8.94 1.93
C LEU A 528 4.98 -7.87 2.38
N ASN A 529 5.45 -6.63 2.56
CA ASN A 529 4.56 -5.48 2.76
C ASN A 529 4.27 -4.79 1.41
N VAL A 530 4.16 -5.60 0.34
CA VAL A 530 4.15 -5.10 -1.04
C VAL A 530 2.79 -4.56 -1.47
N TRP A 531 2.81 -3.53 -2.32
CA TRP A 531 1.63 -3.00 -2.98
C TRP A 531 1.74 -3.16 -4.51
N ARG A 532 2.96 -3.00 -5.05
CA ARG A 532 3.23 -3.24 -6.47
C ARG A 532 4.72 -3.23 -6.77
N SER B 30 -2.00 20.35 -18.09
CA SER B 30 -1.76 21.10 -16.82
C SER B 30 -2.65 20.58 -15.70
N ARG B 31 -2.35 20.97 -14.46
CA ARG B 31 -3.09 20.50 -13.29
C ARG B 31 -3.44 21.60 -12.29
N ASP B 32 -4.61 21.46 -11.70
CA ASP B 32 -5.10 22.35 -10.65
C ASP B 32 -4.84 21.70 -9.29
N ARG B 33 -4.76 22.52 -8.24
CA ARG B 33 -4.40 22.05 -6.90
C ARG B 33 -5.55 22.19 -5.88
N LYS B 34 -6.18 23.36 -5.83
CA LYS B 34 -7.24 23.64 -4.85
C LYS B 34 -8.44 22.70 -4.96
N TYR B 35 -8.82 22.35 -6.19
CA TYR B 35 -9.90 21.40 -6.45
C TYR B 35 -9.43 19.94 -6.31
N LEU B 36 -8.13 19.70 -6.47
CA LEU B 36 -7.53 18.39 -6.23
C LEU B 36 -7.30 18.17 -4.72
N ALA B 37 -7.37 19.26 -3.95
CA ALA B 37 -7.20 19.23 -2.50
C ALA B 37 -8.45 18.76 -1.73
N ARG B 38 -9.64 18.97 -2.31
CA ARG B 38 -10.90 18.51 -1.69
C ARG B 38 -11.13 16.99 -1.84
N LEU B 39 -10.07 16.25 -2.18
CA LEU B 39 -10.18 14.84 -2.54
C LEU B 39 -9.14 14.03 -1.78
N LYS B 40 -9.53 13.53 -0.61
CA LYS B 40 -8.63 12.83 0.28
C LYS B 40 -9.07 11.38 0.51
N LEU B 41 -8.13 10.56 0.97
CA LEU B 41 -8.39 9.16 1.30
C LEU B 41 -8.96 9.07 2.72
N PRO B 42 -10.17 8.47 2.87
CA PRO B 42 -10.91 8.54 4.11
C PRO B 42 -10.54 7.49 5.16
N PRO B 43 -11.14 7.59 6.37
CA PRO B 43 -11.07 6.54 7.39
C PRO B 43 -12.00 5.33 7.09
N LEU B 44 -12.25 4.50 8.12
CA LEU B 44 -12.96 3.22 7.96
C LEU B 44 -14.29 3.09 8.70
N SER B 45 -14.58 4.00 9.63
CA SER B 45 -15.86 3.98 10.35
C SER B 45 -17.03 4.49 9.48
N LYS B 46 -16.72 5.01 8.28
CA LYS B 46 -17.74 5.50 7.34
C LYS B 46 -18.18 4.45 6.32
N CYS B 47 -17.26 3.59 5.92
CA CYS B 47 -17.57 2.52 4.95
C CYS B 47 -18.25 1.34 5.64
N GLU B 48 -19.38 1.62 6.29
CA GLU B 48 -20.25 0.60 6.91
C GLU B 48 -21.71 0.68 6.42
N ALA B 49 -22.17 1.87 6.01
CA ALA B 49 -23.48 2.03 5.36
C ALA B 49 -23.45 1.47 3.94
N LEU B 50 -22.24 1.35 3.38
CA LEU B 50 -22.01 0.79 2.05
C LEU B 50 -22.11 -0.75 2.07
N ARG B 51 -21.60 -1.34 3.16
CA ARG B 51 -21.47 -2.81 3.31
C ARG B 51 -22.78 -3.57 3.05
N GLU B 52 -23.88 -3.06 3.57
CA GLU B 52 -25.18 -3.75 3.49
C GLU B 52 -25.97 -3.42 2.22
N SER B 53 -26.05 -2.13 1.86
CA SER B 53 -26.94 -1.68 0.79
C SER B 53 -26.48 -2.03 -0.63
N LEU B 54 -25.19 -2.34 -0.80
CA LEU B 54 -24.66 -2.81 -2.08
C LEU B 54 -24.58 -4.34 -2.12
N ASP B 55 -24.79 -4.91 -3.30
CA ASP B 55 -24.87 -6.36 -3.47
C ASP B 55 -24.22 -6.82 -4.78
N LEU B 56 -23.03 -6.27 -5.07
CA LEU B 56 -22.34 -6.58 -6.32
C LEU B 56 -21.97 -8.06 -6.39
N GLY B 57 -22.73 -8.80 -7.19
CA GLY B 57 -22.34 -10.15 -7.58
C GLY B 57 -21.10 -10.04 -8.45
N PHE B 58 -20.24 -11.05 -8.36
CA PHE B 58 -18.96 -11.09 -9.08
C PHE B 58 -18.92 -10.26 -10.37
N GLU B 59 -19.85 -10.54 -11.27
CA GLU B 59 -19.87 -9.95 -12.62
C GLU B 59 -19.90 -8.42 -12.62
N GLY B 60 -20.71 -7.84 -11.74
CA GLY B 60 -20.92 -6.39 -11.70
C GLY B 60 -19.78 -5.56 -11.14
N MET B 61 -18.77 -6.22 -10.59
CA MET B 61 -17.67 -5.53 -9.91
C MET B 61 -16.38 -5.56 -10.73
N CYS B 62 -15.48 -6.50 -10.43
CA CYS B 62 -14.09 -6.44 -10.91
C CYS B 62 -13.93 -6.60 -12.41
N LEU B 63 -14.73 -7.47 -13.01
CA LEU B 63 -14.62 -7.74 -14.45
C LEU B 63 -14.99 -6.52 -15.29
N GLU B 64 -15.84 -5.66 -14.75
CA GLU B 64 -16.35 -4.48 -15.44
C GLU B 64 -15.78 -3.16 -14.90
N GLN B 65 -15.65 -3.06 -13.57
CA GLN B 65 -15.15 -1.83 -12.94
C GLN B 65 -13.60 -1.84 -12.85
N PRO B 66 -12.93 -0.97 -13.66
CA PRO B 66 -11.48 -1.08 -13.81
C PRO B 66 -10.70 -0.85 -12.51
N ILE B 67 -11.24 0.00 -11.63
CA ILE B 67 -10.63 0.18 -10.32
C ILE B 67 -10.80 -1.08 -9.47
N GLY B 68 -11.89 -1.83 -9.72
CA GLY B 68 -12.05 -3.16 -9.14
C GLY B 68 -11.08 -4.13 -9.81
N LYS B 69 -11.22 -4.26 -11.12
CA LYS B 69 -10.27 -4.98 -11.97
C LYS B 69 -8.85 -4.89 -11.43
N ARG B 70 -8.34 -3.66 -11.36
CA ARG B 70 -6.94 -3.41 -11.01
C ARG B 70 -6.64 -3.77 -9.55
N LEU B 71 -7.50 -3.33 -8.64
CA LEU B 71 -7.31 -3.66 -7.22
C LEU B 71 -7.29 -5.17 -7.02
N PHE B 72 -8.16 -5.87 -7.71
CA PHE B 72 -8.20 -7.32 -7.63
C PHE B 72 -7.04 -7.94 -8.40
N GLN B 73 -6.71 -7.37 -9.55
CA GLN B 73 -5.43 -7.68 -10.21
C GLN B 73 -4.35 -7.60 -9.14
N GLN B 74 -4.28 -6.45 -8.48
CA GLN B 74 -3.27 -6.21 -7.45
C GLN B 74 -3.34 -7.20 -6.29
N PHE B 75 -4.52 -7.76 -6.02
CA PHE B 75 -4.63 -8.81 -5.01
C PHE B 75 -3.98 -10.10 -5.49
N LEU B 76 -4.12 -10.39 -6.77
CA LEU B 76 -3.53 -11.60 -7.35
C LEU B 76 -2.04 -11.42 -7.64
N ARG B 77 -1.54 -10.19 -7.52
CA ARG B 77 -0.14 -9.88 -7.79
C ARG B 77 0.76 -10.20 -6.58
N THR B 78 0.33 -9.83 -5.37
CA THR B 78 1.09 -10.12 -4.14
C THR B 78 0.84 -11.53 -3.62
N HIS B 79 -0.39 -12.02 -3.81
CA HIS B 79 -0.72 -13.40 -3.48
C HIS B 79 -0.21 -14.32 -4.59
N GLU B 80 0.84 -15.08 -4.26
CA GLU B 80 1.66 -15.78 -5.26
C GLU B 80 0.99 -17.00 -5.92
N GLN B 81 -0.03 -17.56 -5.27
CA GLN B 81 -0.67 -18.80 -5.74
C GLN B 81 -1.54 -18.62 -7.00
N HIS B 82 -1.93 -17.39 -7.30
CA HIS B 82 -2.77 -17.12 -8.48
C HIS B 82 -2.09 -16.16 -9.45
N GLY B 83 -0.79 -16.37 -9.66
CA GLY B 83 -0.05 -15.74 -10.74
C GLY B 83 -0.46 -16.33 -12.08
N PRO B 84 -0.29 -17.66 -12.24
CA PRO B 84 -0.65 -18.36 -13.48
C PRO B 84 -2.07 -18.05 -14.02
N ALA B 85 -3.05 -17.92 -13.14
CA ALA B 85 -4.43 -17.62 -13.54
C ALA B 85 -4.58 -16.17 -13.97
N LEU B 86 -3.82 -15.29 -13.33
CA LEU B 86 -3.84 -13.88 -13.64
C LEU B 86 -3.22 -13.64 -15.01
N GLN B 87 -1.94 -13.99 -15.15
CA GLN B 87 -1.22 -13.86 -16.42
C GLN B 87 -1.93 -14.61 -17.56
N LEU B 88 -2.54 -15.75 -17.24
CA LEU B 88 -3.39 -16.47 -18.19
C LEU B 88 -4.40 -15.51 -18.79
N TRP B 89 -5.22 -14.92 -17.93
CA TRP B 89 -6.24 -13.98 -18.37
C TRP B 89 -5.62 -12.74 -19.03
N LYS B 90 -4.50 -12.26 -18.50
CA LYS B 90 -3.77 -11.13 -19.12
C LYS B 90 -3.45 -11.41 -20.58
N ASP B 91 -2.78 -12.53 -20.82
CA ASP B 91 -2.38 -12.90 -22.17
C ASP B 91 -3.57 -13.23 -23.08
N ILE B 92 -4.72 -13.55 -22.49
CA ILE B 92 -5.95 -13.69 -23.28
C ILE B 92 -6.43 -12.33 -23.77
N GLU B 93 -6.38 -11.31 -22.92
CA GLU B 93 -6.65 -9.93 -23.37
C GLU B 93 -5.58 -9.42 -24.33
N ASP B 94 -4.35 -9.92 -24.20
CA ASP B 94 -3.26 -9.58 -25.12
C ASP B 94 -3.46 -10.20 -26.51
N TYR B 95 -3.94 -11.45 -26.55
CA TYR B 95 -4.25 -12.13 -27.81
C TYR B 95 -5.56 -11.65 -28.42
N ASP B 96 -6.53 -11.34 -27.56
CA ASP B 96 -7.83 -10.81 -28.00
C ASP B 96 -7.64 -9.63 -28.97
N THR B 97 -6.75 -8.71 -28.61
CA THR B 97 -6.51 -7.48 -29.39
C THR B 97 -5.36 -7.59 -30.41
N ALA B 98 -4.64 -8.71 -30.39
CA ALA B 98 -3.43 -8.88 -31.20
C ALA B 98 -3.65 -8.61 -32.70
N ASP B 99 -2.56 -8.29 -33.39
CA ASP B 99 -2.59 -7.98 -34.82
C ASP B 99 -2.90 -9.26 -35.61
N ASP B 100 -2.79 -9.22 -36.93
CA ASP B 100 -3.26 -10.32 -37.79
C ASP B 100 -2.18 -11.08 -38.61
N ALA B 101 -0.91 -10.82 -38.32
CA ALA B 101 0.20 -11.70 -38.76
C ALA B 101 1.02 -12.22 -37.57
N LEU B 102 0.56 -11.89 -36.34
CA LEU B 102 1.17 -12.35 -35.08
C LEU B 102 0.20 -13.17 -34.19
N ARG B 103 -1.02 -13.42 -34.69
CA ARG B 103 -1.96 -14.30 -33.97
C ARG B 103 -1.54 -15.77 -33.98
N PRO B 104 -1.08 -16.29 -35.14
CA PRO B 104 -0.41 -17.60 -35.14
C PRO B 104 0.75 -17.71 -34.14
N GLN B 105 1.54 -16.64 -34.01
CA GLN B 105 2.70 -16.62 -33.09
C GLN B 105 2.28 -16.47 -31.62
N LYS B 106 1.38 -15.54 -31.33
CA LYS B 106 0.88 -15.35 -29.97
C LYS B 106 0.07 -16.57 -29.50
N ALA B 107 -0.51 -17.29 -30.44
CA ALA B 107 -1.15 -18.58 -30.16
C ALA B 107 -0.10 -19.60 -29.73
N GLN B 108 0.94 -19.79 -30.56
CA GLN B 108 2.04 -20.73 -30.25
C GLN B 108 2.86 -20.28 -29.03
N ALA B 109 2.72 -19.00 -28.67
CA ALA B 109 3.29 -18.45 -27.43
C ALA B 109 2.42 -18.81 -26.23
N LEU B 110 1.10 -18.62 -26.37
CA LEU B 110 0.16 -18.94 -25.30
C LEU B 110 -0.04 -20.44 -25.08
N ARG B 111 0.03 -21.22 -26.16
CA ARG B 111 -0.09 -22.68 -26.07
C ARG B 111 1.13 -23.34 -25.39
N ALA B 112 2.31 -22.75 -25.59
CA ALA B 112 3.56 -23.28 -25.01
C ALA B 112 3.78 -22.90 -23.54
N ALA B 113 2.97 -21.96 -23.04
CA ALA B 113 3.15 -21.40 -21.68
C ALA B 113 2.22 -22.00 -20.62
N TYR B 114 1.03 -22.46 -21.01
CA TYR B 114 -0.01 -22.88 -20.04
C TYR B 114 -0.67 -24.25 -20.29
N LEU B 115 -0.81 -24.67 -21.54
CA LEU B 115 -1.57 -25.90 -21.88
C LEU B 115 -0.85 -27.19 -21.47
N GLN B 118 3.22 -30.69 -18.93
CA GLN B 118 3.76 -29.96 -17.80
C GLN B 118 4.35 -28.62 -18.23
N ALA B 119 3.46 -27.63 -18.37
CA ALA B 119 3.88 -26.25 -18.57
C ALA B 119 4.40 -25.68 -17.25
N GLN B 120 5.13 -24.58 -17.32
CA GLN B 120 5.80 -24.00 -16.16
C GLN B 120 4.91 -23.03 -15.36
N LEU B 121 3.89 -22.50 -16.03
CA LEU B 121 2.80 -21.81 -15.36
C LEU B 121 1.53 -22.64 -15.51
N PHE B 122 1.68 -23.97 -15.45
CA PHE B 122 0.54 -24.87 -15.48
C PHE B 122 -0.17 -24.76 -14.15
N CYS B 123 -1.37 -24.20 -14.19
CA CYS B 123 -2.17 -23.98 -13.00
C CYS B 123 -2.80 -25.29 -12.57
N SER B 124 -3.16 -25.38 -11.29
CA SER B 124 -3.76 -26.59 -10.73
C SER B 124 -4.99 -26.28 -9.88
N PHE B 125 -6.07 -25.83 -10.55
CA PHE B 125 -7.39 -25.70 -9.92
C PHE B 125 -8.54 -26.24 -10.81
N LEU B 126 -8.47 -26.05 -12.12
CA LEU B 126 -9.39 -26.71 -13.04
C LEU B 126 -8.86 -28.09 -13.39
N ASP B 127 -9.76 -28.98 -13.80
CA ASP B 127 -9.41 -30.36 -14.11
C ASP B 127 -8.68 -30.45 -15.47
N ALA B 128 -9.30 -31.09 -16.47
CA ALA B 128 -8.69 -31.18 -17.81
C ALA B 128 -9.74 -31.45 -18.90
N GLU B 129 -10.89 -30.77 -18.81
CA GLU B 129 -11.95 -30.88 -19.83
C GLU B 129 -11.93 -29.70 -20.81
N THR B 130 -11.54 -28.52 -20.33
CA THR B 130 -11.42 -27.33 -21.19
C THR B 130 -10.08 -27.27 -21.95
N VAL B 131 -9.12 -28.10 -21.54
CA VAL B 131 -7.85 -28.25 -22.27
C VAL B 131 -8.11 -28.86 -23.64
N ALA B 132 -9.08 -29.78 -23.70
CA ALA B 132 -9.52 -30.39 -24.95
C ALA B 132 -10.31 -29.42 -25.84
N ARG B 133 -11.09 -28.55 -25.20
CA ARG B 133 -11.97 -27.59 -25.90
C ARG B 133 -11.24 -26.68 -26.89
N ALA B 134 -10.12 -26.09 -26.47
CA ALA B 134 -9.44 -25.07 -27.26
C ALA B 134 -8.52 -25.58 -28.39
N ARG B 135 -8.23 -26.88 -28.39
CA ARG B 135 -7.20 -27.45 -29.28
C ARG B 135 -7.50 -27.30 -30.77
N LEU B 142 -9.20 -20.09 -31.78
CA LEU B 142 -10.29 -19.43 -31.06
C LEU B 142 -10.31 -19.91 -29.60
N PHE B 143 -9.83 -19.07 -28.68
CA PHE B 143 -9.71 -19.41 -27.25
C PHE B 143 -10.68 -18.63 -26.36
N GLN B 144 -11.91 -18.46 -26.83
CA GLN B 144 -12.92 -17.73 -26.06
C GLN B 144 -13.53 -18.58 -24.92
N PRO B 145 -13.87 -19.87 -25.19
CA PRO B 145 -14.36 -20.76 -24.13
C PRO B 145 -13.30 -21.10 -23.09
N LEU B 146 -12.03 -20.99 -23.48
CA LEU B 146 -10.91 -21.15 -22.56
C LEU B 146 -10.98 -20.08 -21.47
N LEU B 147 -11.30 -18.85 -21.88
CA LEU B 147 -11.38 -17.70 -20.98
C LEU B 147 -12.48 -17.84 -19.93
N ARG B 148 -13.69 -18.16 -20.38
CA ARG B 148 -14.84 -18.30 -19.47
C ARG B 148 -14.71 -19.47 -18.49
N ALA B 149 -13.84 -20.43 -18.80
CA ALA B 149 -13.55 -21.55 -17.91
C ALA B 149 -12.80 -21.11 -16.64
N VAL B 150 -11.82 -20.22 -16.82
CA VAL B 150 -11.07 -19.69 -15.69
C VAL B 150 -11.91 -18.66 -14.93
N LEU B 151 -12.65 -17.83 -15.65
CA LEU B 151 -13.51 -16.80 -15.06
C LEU B 151 -14.49 -17.42 -14.07
N ALA B 152 -15.25 -18.40 -14.54
CA ALA B 152 -16.22 -19.10 -13.72
C ALA B 152 -15.60 -19.44 -12.38
N HIS B 153 -14.49 -20.18 -12.41
CA HIS B 153 -13.81 -20.61 -11.18
C HIS B 153 -13.18 -19.45 -10.42
N LEU B 154 -12.41 -18.61 -11.12
CA LEU B 154 -11.72 -17.49 -10.47
C LEU B 154 -12.67 -16.61 -9.65
N GLY B 155 -13.95 -16.59 -10.03
CA GLY B 155 -14.96 -15.86 -9.29
C GLY B 155 -15.62 -16.60 -8.13
N GLN B 156 -15.14 -17.80 -7.79
CA GLN B 156 -15.79 -18.63 -6.75
C GLN B 156 -14.89 -18.92 -5.53
N ALA B 157 -13.98 -19.90 -5.64
CA ALA B 157 -13.16 -20.31 -4.48
C ALA B 157 -12.09 -19.27 -4.11
N PRO B 158 -11.30 -18.81 -5.09
CA PRO B 158 -10.30 -17.77 -4.80
C PRO B 158 -10.89 -16.39 -4.51
N PHE B 159 -12.08 -16.10 -5.04
CA PHE B 159 -12.69 -14.78 -4.92
C PHE B 159 -13.05 -14.40 -3.47
N GLN B 160 -13.23 -15.40 -2.62
CA GLN B 160 -13.61 -15.18 -1.22
C GLN B 160 -12.66 -14.25 -0.47
N GLU B 161 -11.38 -14.29 -0.83
CA GLU B 161 -10.32 -13.64 -0.06
C GLU B 161 -10.28 -12.13 -0.25
N PHE B 162 -10.20 -11.70 -1.51
CA PHE B 162 -10.24 -10.27 -1.85
C PHE B 162 -11.20 -9.53 -0.93
N LEU B 163 -12.42 -10.05 -0.85
CA LEU B 163 -13.47 -9.52 0.01
C LEU B 163 -12.97 -9.32 1.43
N ASP B 164 -12.44 -10.38 2.02
CA ASP B 164 -11.83 -10.31 3.35
C ASP B 164 -10.33 -10.06 3.20
N SER B 165 -9.98 -8.95 2.52
CA SER B 165 -8.60 -8.51 2.40
C SER B 165 -8.56 -7.01 2.10
N LEU B 166 -7.36 -6.44 2.15
CA LEU B 166 -7.18 -4.98 2.09
C LEU B 166 -7.69 -4.38 0.79
N TYR B 167 -7.11 -4.82 -0.33
CA TYR B 167 -7.31 -4.23 -1.64
C TYR B 167 -8.77 -3.84 -1.90
N PHE B 168 -9.68 -4.73 -1.51
CA PHE B 168 -11.12 -4.48 -1.59
C PHE B 168 -11.53 -3.27 -0.76
N LEU B 169 -11.01 -3.19 0.46
CA LEU B 169 -11.41 -2.13 1.38
C LEU B 169 -11.10 -0.76 0.80
N ARG B 170 -9.88 -0.61 0.29
CA ARG B 170 -9.47 0.62 -0.37
C ARG B 170 -10.46 0.96 -1.49
N PHE B 171 -10.95 -0.06 -2.18
CA PHE B 171 -12.00 0.12 -3.18
C PHE B 171 -13.22 0.77 -2.54
N LEU B 172 -13.63 0.27 -1.37
CA LEU B 172 -14.75 0.87 -0.63
C LEU B 172 -14.55 2.36 -0.42
N GLN B 173 -13.30 2.74 -0.19
CA GLN B 173 -12.95 4.13 0.06
C GLN B 173 -12.81 4.91 -1.25
N TRP B 174 -12.32 4.27 -2.31
CA TRP B 174 -12.41 4.85 -3.66
C TRP B 174 -13.88 4.99 -4.03
N LYS B 175 -14.67 3.97 -3.71
CA LYS B 175 -16.11 3.98 -3.94
C LYS B 175 -16.82 5.06 -3.15
N TRP B 176 -16.42 5.21 -1.88
CA TRP B 176 -17.01 6.21 -0.98
C TRP B 176 -16.98 7.62 -1.60
N LEU B 177 -15.81 8.01 -2.12
CA LEU B 177 -15.62 9.35 -2.68
C LEU B 177 -16.35 9.54 -4.02
N GLU B 178 -16.70 8.43 -4.68
CA GLU B 178 -17.52 8.47 -5.89
C GLU B 178 -18.94 8.92 -5.54
N ALA B 179 -19.47 8.41 -4.42
CA ALA B 179 -20.79 8.79 -3.95
C ALA B 179 -20.75 10.16 -3.29
N GLN B 180 -20.43 11.18 -4.09
CA GLN B 180 -20.27 12.54 -3.60
C GLN B 180 -20.90 13.55 -4.57
N PRO B 181 -21.21 14.78 -4.08
CA PRO B 181 -21.87 15.79 -4.90
C PRO B 181 -20.87 16.66 -5.66
N MET B 182 -20.76 16.40 -6.96
CA MET B 182 -19.83 17.13 -7.82
C MET B 182 -20.59 18.14 -8.65
N GLY B 183 -20.76 19.34 -8.09
CA GLY B 183 -21.59 20.38 -8.71
C GLY B 183 -20.92 21.26 -9.75
N GLU B 184 -21.60 22.35 -10.07
CA GLU B 184 -21.17 23.34 -11.06
C GLU B 184 -19.75 23.87 -10.81
N ASP B 185 -19.38 24.00 -9.54
CA ASP B 185 -18.02 24.44 -9.15
C ASP B 185 -16.92 23.61 -9.82
N TRP B 186 -17.18 22.32 -10.01
CA TRP B 186 -16.13 21.37 -10.40
C TRP B 186 -15.83 21.34 -11.91
N PHE B 187 -16.48 22.20 -12.70
CA PHE B 187 -16.28 22.23 -14.15
C PHE B 187 -16.27 23.64 -14.74
N LEU B 188 -15.61 23.77 -15.90
CA LEU B 188 -15.33 25.07 -16.53
C LEU B 188 -16.00 25.20 -17.90
N ASP B 189 -16.26 26.43 -18.32
CA ASP B 189 -16.85 26.71 -19.65
C ASP B 189 -16.22 27.93 -20.32
N PHE B 190 -16.07 27.84 -21.65
CA PHE B 190 -15.28 28.80 -22.43
C PHE B 190 -15.50 28.67 -23.95
N ARG B 191 -15.63 27.43 -24.45
CA ARG B 191 -15.88 27.18 -25.88
C ARG B 191 -17.11 26.28 -26.04
N VAL B 192 -18.01 26.67 -26.95
CA VAL B 192 -19.33 26.04 -27.14
C VAL B 192 -19.37 25.21 -28.42
N VAL B 201 -24.45 23.94 -25.84
CA VAL B 201 -23.60 22.77 -25.72
C VAL B 201 -22.14 23.20 -25.60
N PHE B 202 -21.43 22.62 -24.64
CA PHE B 202 -20.07 23.05 -24.30
C PHE B 202 -19.06 21.93 -24.31
N ALA B 203 -17.79 22.31 -24.19
CA ALA B 203 -16.73 21.44 -23.74
C ALA B 203 -16.33 21.93 -22.36
N CYS B 204 -16.10 20.99 -21.43
CA CYS B 204 -15.77 21.34 -20.05
C CYS B 204 -14.66 20.45 -19.50
N GLN B 205 -13.73 21.07 -18.76
CA GLN B 205 -12.63 20.35 -18.12
C GLN B 205 -12.96 20.05 -16.66
N MET B 206 -12.72 18.82 -16.24
CA MET B 206 -12.81 18.47 -14.83
C MET B 206 -11.59 19.11 -14.16
N LYS B 207 -11.84 20.06 -13.26
CA LYS B 207 -10.81 20.97 -12.78
C LYS B 207 -9.65 20.26 -12.05
N ALA B 208 -9.99 19.47 -11.04
CA ALA B 208 -8.98 18.83 -10.18
C ALA B 208 -8.04 17.91 -10.97
N THR B 209 -8.63 17.01 -11.75
CA THR B 209 -7.87 16.05 -12.54
C THR B 209 -7.28 16.70 -13.78
N GLY B 210 -8.14 17.33 -14.57
CA GLY B 210 -7.76 17.95 -15.84
C GLY B 210 -8.18 17.13 -17.05
N LYS B 211 -9.39 16.57 -16.99
CA LYS B 211 -9.96 15.79 -18.10
C LYS B 211 -11.09 16.57 -18.78
N LEU B 212 -11.20 16.39 -20.09
CA LEU B 212 -12.12 17.16 -20.92
C LEU B 212 -13.42 16.38 -21.13
N TYR B 213 -14.51 17.12 -21.29
CA TYR B 213 -15.82 16.50 -21.47
C TYR B 213 -16.79 17.46 -22.16
N ALA B 214 -17.52 16.94 -23.13
CA ALA B 214 -18.65 17.67 -23.71
C ALA B 214 -19.83 17.55 -22.75
N CYS B 215 -20.24 18.67 -22.14
CA CYS B 215 -21.34 18.66 -21.18
C CYS B 215 -22.52 19.46 -21.74
N LYS B 216 -23.59 18.75 -22.11
CA LYS B 216 -24.74 19.36 -22.78
C LYS B 216 -25.61 20.09 -21.77
N LYS B 217 -25.86 21.39 -21.99
CA LYS B 217 -26.55 22.24 -21.02
C LYS B 217 -27.87 22.81 -21.57
N LEU B 218 -28.87 22.87 -20.70
CA LEU B 218 -30.25 23.12 -21.11
C LEU B 218 -30.87 24.25 -20.29
N ASN B 219 -31.53 25.19 -20.96
CA ASN B 219 -32.29 26.23 -20.27
C ASN B 219 -33.53 25.60 -19.63
N LYS B 220 -33.51 25.46 -18.30
CA LYS B 220 -34.58 24.79 -17.53
C LYS B 220 -36.00 25.28 -17.85
N LYS B 221 -36.17 26.61 -17.91
CA LYS B 221 -37.49 27.23 -18.14
C LYS B 221 -38.07 26.87 -19.50
N ARG B 222 -37.19 26.75 -20.49
CA ARG B 222 -37.56 26.32 -21.83
C ARG B 222 -37.92 24.84 -21.87
N LEU B 223 -37.31 24.07 -20.96
CA LEU B 223 -37.55 22.63 -20.87
C LEU B 223 -38.98 22.38 -20.37
N LYS B 224 -39.32 22.98 -19.23
CA LYS B 224 -40.68 22.89 -18.69
C LYS B 224 -41.68 23.59 -19.63
N LYS B 225 -41.17 24.51 -20.44
CA LYS B 225 -42.01 25.21 -21.41
C LYS B 225 -42.56 24.32 -22.53
N ARG B 226 -42.03 23.11 -22.69
CA ARG B 226 -42.45 22.21 -23.79
C ARG B 226 -42.79 20.79 -23.37
N LYS B 227 -42.92 20.53 -22.07
CA LYS B 227 -43.05 19.17 -21.54
C LYS B 227 -42.05 18.23 -22.21
N GLY B 228 -40.83 18.72 -22.39
CA GLY B 228 -39.74 17.94 -22.99
C GLY B 228 -38.96 17.16 -21.95
N TYR B 229 -39.58 16.97 -20.77
CA TYR B 229 -39.03 16.16 -19.69
C TYR B 229 -38.73 14.74 -20.16
N GLN B 230 -39.75 14.11 -20.73
CA GLN B 230 -39.76 12.66 -20.97
C GLN B 230 -38.75 12.16 -22.02
N GLY B 231 -38.47 12.99 -23.03
CA GLY B 231 -37.50 12.64 -24.07
C GLY B 231 -36.05 12.73 -23.61
N ALA B 232 -35.82 13.53 -22.58
CA ALA B 232 -34.47 13.77 -22.05
C ALA B 232 -34.06 12.73 -21.01
N MET B 233 -34.93 12.46 -20.03
CA MET B 233 -34.63 11.50 -18.95
C MET B 233 -34.48 10.09 -19.52
N VAL B 234 -35.39 9.69 -20.40
CA VAL B 234 -35.24 8.43 -21.15
C VAL B 234 -33.88 8.39 -21.82
N GLU B 235 -33.48 9.53 -22.37
CA GLU B 235 -32.17 9.72 -22.98
C GLU B 235 -31.04 9.68 -21.94
N LYS B 236 -31.28 10.21 -20.75
CA LYS B 236 -30.30 10.15 -19.65
C LYS B 236 -30.19 8.74 -19.07
N LYS B 237 -31.33 8.14 -18.74
CA LYS B 237 -31.38 6.83 -18.09
C LYS B 237 -30.55 5.75 -18.81
N ILE B 238 -30.42 5.88 -20.12
CA ILE B 238 -29.69 4.89 -20.92
C ILE B 238 -28.24 5.30 -21.23
N LEU B 239 -27.92 6.59 -21.06
CA LEU B 239 -26.54 7.08 -21.27
C LEU B 239 -25.58 6.52 -20.22
N ALA B 240 -25.96 6.67 -18.94
CA ALA B 240 -25.15 6.18 -17.83
C ALA B 240 -25.07 4.64 -17.77
N LYS B 241 -26.06 3.97 -18.36
CA LYS B 241 -26.14 2.50 -18.36
C LYS B 241 -25.27 1.83 -19.45
N VAL B 242 -24.72 2.62 -20.37
CA VAL B 242 -23.91 2.08 -21.47
C VAL B 242 -22.53 2.71 -21.55
N HIS B 243 -21.52 1.89 -21.83
CA HIS B 243 -20.17 2.36 -22.14
C HIS B 243 -19.68 1.66 -23.41
N SER B 244 -20.11 2.19 -24.56
CA SER B 244 -19.63 1.76 -25.86
C SER B 244 -18.99 2.96 -26.54
N ARG B 245 -17.74 2.82 -26.97
CA ARG B 245 -16.97 3.94 -27.57
C ARG B 245 -17.43 4.32 -28.99
N PHE B 246 -18.65 3.94 -29.35
CA PHE B 246 -19.35 4.48 -30.50
C PHE B 246 -20.65 5.16 -30.02
N ILE B 247 -20.76 5.32 -28.71
CA ILE B 247 -21.91 5.94 -28.06
C ILE B 247 -21.37 6.95 -27.06
N VAL B 248 -21.90 8.17 -27.06
CA VAL B 248 -21.46 9.17 -26.10
C VAL B 248 -21.63 8.66 -24.67
N SER B 249 -20.50 8.37 -24.01
CA SER B 249 -20.52 7.80 -22.67
C SER B 249 -20.66 8.90 -21.61
N LEU B 250 -21.81 8.95 -20.94
CA LEU B 250 -22.06 9.96 -19.91
C LEU B 250 -21.28 9.66 -18.64
N ALA B 251 -20.65 10.69 -18.08
CA ALA B 251 -19.82 10.55 -16.88
C ALA B 251 -20.51 11.12 -15.66
N TYR B 252 -21.18 12.26 -15.81
CA TYR B 252 -21.75 12.97 -14.67
C TYR B 252 -23.14 13.51 -14.95
N ALA B 253 -23.82 13.94 -13.88
CA ALA B 253 -25.15 14.53 -13.96
C ALA B 253 -25.40 15.44 -12.74
N PHE B 254 -25.69 16.71 -12.99
CA PHE B 254 -25.86 17.70 -11.91
C PHE B 254 -26.87 18.81 -12.25
N GLU B 255 -27.17 19.66 -11.27
CA GLU B 255 -28.02 20.84 -11.46
C GLU B 255 -27.30 22.14 -11.04
N THR B 256 -27.23 23.11 -11.95
CA THR B 256 -26.61 24.39 -11.66
C THR B 256 -27.64 25.32 -11.04
N LYS B 257 -28.48 25.90 -11.88
CA LYS B 257 -29.52 26.82 -11.45
C LYS B 257 -30.32 27.22 -12.68
N THR B 258 -29.61 27.75 -13.68
CA THR B 258 -30.20 28.06 -14.98
C THR B 258 -30.31 26.82 -15.85
N ASP B 259 -29.33 25.93 -15.74
CA ASP B 259 -29.24 24.77 -16.64
C ASP B 259 -29.07 23.44 -15.91
N LEU B 260 -29.46 22.35 -16.59
CA LEU B 260 -29.14 20.97 -16.19
C LEU B 260 -28.11 20.44 -17.18
N CYS B 261 -27.16 19.63 -16.69
CA CYS B 261 -26.02 19.20 -17.52
C CYS B 261 -25.74 17.69 -17.51
N LEU B 262 -24.95 17.24 -18.48
CA LEU B 262 -24.56 15.83 -18.60
C LEU B 262 -23.25 15.69 -19.37
N VAL B 263 -22.17 15.47 -18.62
CA VAL B 263 -20.85 15.30 -19.22
C VAL B 263 -20.78 14.03 -20.07
N MET B 264 -20.32 14.17 -21.32
CA MET B 264 -20.08 13.04 -22.24
C MET B 264 -18.73 13.18 -22.97
N THR B 265 -18.20 12.06 -23.50
CA THR B 265 -16.79 11.96 -23.93
C THR B 265 -16.32 12.77 -25.16
N ILE B 266 -15.24 13.54 -24.94
CA ILE B 266 -14.62 14.50 -25.88
C ILE B 266 -14.49 14.12 -27.37
N MET B 267 -14.83 15.08 -28.24
CA MET B 267 -14.55 15.04 -29.68
C MET B 267 -14.26 16.48 -30.20
N ASN B 268 -13.10 16.70 -30.83
CA ASN B 268 -12.67 18.06 -31.27
C ASN B 268 -12.97 18.40 -32.75
N GLY B 269 -11.97 18.30 -33.62
CA GLY B 269 -12.01 18.87 -34.98
C GLY B 269 -13.33 19.47 -35.41
N GLY B 270 -14.30 18.59 -35.66
CA GLY B 270 -15.66 18.97 -36.02
C GLY B 270 -16.52 17.75 -36.33
N ASP B 271 -17.69 17.97 -36.93
CA ASP B 271 -18.59 16.88 -37.36
C ASP B 271 -18.29 16.45 -38.81
N ILE B 272 -19.03 15.47 -39.35
CA ILE B 272 -18.69 14.91 -40.67
C ILE B 272 -19.07 15.83 -41.84
N ARG B 273 -20.18 16.56 -41.74
CA ARG B 273 -20.52 17.58 -42.75
C ARG B 273 -19.36 18.58 -42.88
N TYR B 274 -18.89 19.08 -41.73
CA TYR B 274 -17.68 19.93 -41.63
C TYR B 274 -16.59 19.44 -42.59
N HIS B 275 -16.44 18.12 -42.66
CA HIS B 275 -15.43 17.49 -43.53
C HIS B 275 -15.96 17.23 -44.93
N ILE B 276 -17.11 16.55 -45.03
CA ILE B 276 -17.70 16.19 -46.32
C ILE B 276 -17.66 17.38 -47.27
N TYR B 277 -18.33 18.45 -46.86
CA TYR B 277 -18.55 19.62 -47.71
C TYR B 277 -17.40 20.64 -47.65
N ASN B 278 -16.85 20.88 -46.45
CA ASN B 278 -15.95 22.01 -46.23
C ASN B 278 -14.50 21.69 -45.83
N VAL B 279 -14.08 20.43 -45.92
CA VAL B 279 -12.66 20.11 -45.71
C VAL B 279 -11.87 20.50 -46.95
N ASP B 280 -12.07 19.78 -48.04
CA ASP B 280 -11.41 20.06 -49.31
C ASP B 280 -12.50 20.47 -50.29
N GLU B 281 -12.44 21.72 -50.74
CA GLU B 281 -13.53 22.33 -51.52
C GLU B 281 -13.63 21.78 -52.96
N ASP B 282 -12.57 21.97 -53.75
CA ASP B 282 -12.56 21.51 -55.15
C ASP B 282 -12.50 19.99 -55.30
N ASN B 283 -12.11 19.28 -54.23
CA ASN B 283 -12.25 17.82 -54.12
C ASN B 283 -13.31 17.48 -53.08
N PRO B 284 -14.60 17.64 -53.45
CA PRO B 284 -15.66 17.44 -52.46
C PRO B 284 -15.83 15.99 -52.04
N GLY B 285 -16.29 15.78 -50.82
CA GLY B 285 -16.51 14.43 -50.30
C GLY B 285 -15.22 13.76 -49.89
N PHE B 286 -15.28 12.44 -49.72
CA PHE B 286 -14.16 11.65 -49.21
C PHE B 286 -13.67 10.63 -50.25
N GLN B 287 -12.54 9.98 -49.93
CA GLN B 287 -11.97 8.91 -50.76
C GLN B 287 -12.72 7.59 -50.47
N GLU B 288 -12.08 6.44 -50.72
CA GLU B 288 -12.73 5.13 -50.50
C GLU B 288 -12.47 4.49 -49.11
N PRO B 289 -11.19 4.39 -48.68
CA PRO B 289 -10.93 3.85 -47.34
C PRO B 289 -11.30 4.81 -46.19
N ARG B 290 -11.45 6.10 -46.50
CA ARG B 290 -11.85 7.10 -45.52
C ARG B 290 -13.32 6.94 -45.12
N ALA B 291 -14.20 6.84 -46.12
CA ALA B 291 -15.63 6.62 -45.88
C ALA B 291 -15.90 5.23 -45.31
N ILE B 292 -15.20 4.23 -45.84
CA ILE B 292 -15.28 2.85 -45.34
C ILE B 292 -14.98 2.76 -43.85
N PHE B 293 -13.83 3.32 -43.45
CA PHE B 293 -13.39 3.31 -42.06
C PHE B 293 -14.46 3.88 -41.11
N TYR B 294 -15.11 4.97 -41.53
CA TYR B 294 -16.15 5.60 -40.71
C TYR B 294 -17.44 4.79 -40.71
N THR B 295 -17.81 4.28 -41.89
CA THR B 295 -19.01 3.47 -42.03
C THR B 295 -18.99 2.24 -41.11
N ALA B 296 -17.81 1.64 -40.96
CA ALA B 296 -17.63 0.47 -40.10
C ALA B 296 -17.80 0.82 -38.62
N GLN B 297 -17.15 1.90 -38.19
CA GLN B 297 -17.28 2.38 -36.82
C GLN B 297 -18.74 2.66 -36.47
N ILE B 298 -19.51 3.12 -37.46
CA ILE B 298 -20.93 3.36 -37.28
C ILE B 298 -21.70 2.05 -37.11
N VAL B 299 -21.37 1.05 -37.94
CA VAL B 299 -22.04 -0.25 -37.90
C VAL B 299 -22.08 -0.84 -36.49
N SER B 300 -20.97 -0.69 -35.76
CA SER B 300 -20.84 -1.25 -34.42
C SER B 300 -21.49 -0.37 -33.34
N GLY B 301 -21.59 0.93 -33.60
CA GLY B 301 -22.29 1.84 -32.69
C GLY B 301 -23.78 1.59 -32.67
N LEU B 302 -24.35 1.39 -33.85
CA LEU B 302 -25.77 1.05 -33.98
C LEU B 302 -26.08 -0.35 -33.45
N GLU B 303 -25.13 -1.28 -33.60
CA GLU B 303 -25.25 -2.61 -33.01
C GLU B 303 -25.49 -2.51 -31.50
N HIS B 304 -24.70 -1.67 -30.84
CA HIS B 304 -24.82 -1.42 -29.41
C HIS B 304 -26.13 -0.68 -29.11
N LEU B 305 -26.47 0.28 -29.98
CA LEU B 305 -27.74 1.01 -29.90
C LEU B 305 -28.91 0.05 -29.84
N HIS B 306 -28.90 -0.93 -30.74
CA HIS B 306 -30.05 -1.82 -30.95
C HIS B 306 -29.99 -3.12 -30.15
N GLN B 307 -28.81 -3.51 -29.66
CA GLN B 307 -28.68 -4.67 -28.76
C GLN B 307 -29.54 -4.50 -27.50
N ARG B 308 -29.72 -3.24 -27.08
CA ARG B 308 -30.54 -2.90 -25.90
C ARG B 308 -31.96 -2.43 -26.28
N ASN B 309 -32.38 -2.71 -27.52
CA ASN B 309 -33.68 -2.29 -28.05
C ASN B 309 -33.89 -0.77 -27.98
N ILE B 310 -33.13 -0.01 -28.77
CA ILE B 310 -33.22 1.46 -28.76
C ILE B 310 -33.00 2.05 -30.15
N ILE B 311 -33.72 3.11 -30.48
CA ILE B 311 -33.67 3.71 -31.82
C ILE B 311 -32.98 5.08 -31.80
N TYR B 312 -32.35 5.42 -32.92
CA TYR B 312 -31.72 6.73 -33.12
C TYR B 312 -32.53 7.61 -34.07
N ARG B 313 -33.14 6.97 -35.09
CA ARG B 313 -34.05 7.62 -36.04
C ARG B 313 -33.37 8.65 -36.93
N ASP B 314 -32.81 9.68 -36.31
CA ASP B 314 -32.08 10.73 -37.02
C ASP B 314 -30.60 10.41 -37.03
N LEU B 315 -30.10 9.95 -38.18
CA LEU B 315 -28.68 9.61 -38.34
C LEU B 315 -28.11 10.30 -39.57
N LYS B 316 -27.07 11.11 -39.37
CA LYS B 316 -26.49 11.92 -40.46
C LYS B 316 -25.05 12.39 -40.15
N PRO B 317 -24.33 12.93 -41.17
CA PRO B 317 -22.91 13.29 -40.98
C PRO B 317 -22.69 14.31 -39.88
N GLU B 318 -23.44 15.42 -39.93
CA GLU B 318 -23.38 16.44 -38.88
C GLU B 318 -23.77 15.92 -37.49
N ASN B 319 -24.47 14.79 -37.46
CA ASN B 319 -24.71 14.03 -36.23
C ASN B 319 -23.69 12.87 -36.05
N VAL B 320 -22.46 13.10 -36.49
CA VAL B 320 -21.34 12.18 -36.26
C VAL B 320 -20.07 13.00 -36.14
N LEU B 321 -19.26 12.73 -35.12
CA LEU B 321 -18.09 13.56 -34.82
C LEU B 321 -16.77 12.83 -35.10
N LEU B 322 -15.65 13.54 -34.90
CA LEU B 322 -14.30 12.99 -35.05
C LEU B 322 -13.37 13.55 -33.98
N ASP B 323 -12.74 12.65 -33.21
CA ASP B 323 -11.84 13.05 -32.12
C ASP B 323 -10.42 13.33 -32.63
N ASP B 324 -9.58 13.82 -31.72
CA ASP B 324 -8.17 14.07 -32.00
C ASP B 324 -7.44 12.79 -32.42
N ASP B 325 -7.84 11.67 -31.82
CA ASP B 325 -7.22 10.37 -32.09
C ASP B 325 -7.68 9.78 -33.43
N GLY B 326 -8.88 10.15 -33.88
CA GLY B 326 -9.39 9.76 -35.19
C GLY B 326 -10.40 8.62 -35.20
N ASN B 327 -10.96 8.30 -34.03
CA ASN B 327 -12.06 7.33 -33.93
C ASN B 327 -13.39 8.06 -33.67
N VAL B 328 -14.33 7.90 -34.60
CA VAL B 328 -15.60 8.64 -34.56
C VAL B 328 -16.62 8.09 -33.57
N ARG B 329 -17.66 8.88 -33.32
CA ARG B 329 -18.82 8.47 -32.52
C ARG B 329 -20.09 9.04 -33.16
N ILE B 330 -21.24 8.79 -32.52
CA ILE B 330 -22.52 9.35 -32.95
C ILE B 330 -23.10 10.24 -31.85
N SER B 331 -23.74 11.34 -32.23
CA SER B 331 -24.05 12.44 -31.30
C SER B 331 -25.44 13.05 -31.43
N ASP B 332 -25.81 13.89 -30.44
CA ASP B 332 -27.10 14.59 -30.35
C ASP B 332 -28.29 13.63 -30.32
N LEU B 333 -28.87 13.44 -29.14
CA LEU B 333 -29.78 12.32 -28.88
C LEU B 333 -31.15 12.73 -28.32
N GLY B 334 -31.69 13.84 -28.81
CA GLY B 334 -33.10 14.16 -28.57
C GLY B 334 -33.92 13.05 -29.21
N LEU B 335 -33.63 12.79 -30.48
CA LEU B 335 -34.20 11.64 -31.20
C LEU B 335 -33.50 10.38 -30.74
N ALA B 336 -33.86 9.94 -29.54
CA ALA B 336 -33.31 8.73 -28.96
C ALA B 336 -34.43 8.10 -28.15
N VAL B 337 -35.44 7.62 -28.85
CA VAL B 337 -36.59 6.98 -28.22
C VAL B 337 -36.24 5.56 -27.78
N GLU B 338 -36.83 5.13 -26.66
CA GLU B 338 -36.57 3.82 -26.04
C GLU B 338 -37.71 2.85 -26.33
N LEU B 339 -37.36 1.59 -26.66
CA LEU B 339 -38.35 0.51 -26.75
C LEU B 339 -38.33 -0.30 -25.44
N LYS B 340 -39.52 -0.66 -24.96
CA LYS B 340 -39.70 -1.23 -23.62
C LYS B 340 -39.46 -2.76 -23.63
N ALA B 341 -40.20 -3.50 -22.80
CA ALA B 341 -40.07 -4.96 -22.73
C ALA B 341 -41.43 -5.64 -22.90
N GLY B 342 -41.51 -6.57 -23.85
CA GLY B 342 -42.76 -7.25 -24.17
C GLY B 342 -43.45 -6.68 -25.40
N GLN B 343 -43.20 -5.41 -25.70
CA GLN B 343 -43.78 -4.74 -26.86
C GLN B 343 -42.96 -5.04 -28.11
N THR B 344 -43.55 -4.81 -29.28
CA THR B 344 -42.89 -5.11 -30.54
C THR B 344 -42.37 -3.87 -31.27
N LYS B 345 -43.20 -2.84 -31.41
CA LYS B 345 -42.86 -1.66 -32.23
C LYS B 345 -43.35 -0.34 -31.62
N THR B 346 -42.93 0.79 -32.23
CA THR B 346 -43.34 2.14 -31.81
C THR B 346 -43.54 3.09 -33.00
N LYS B 347 -44.43 4.07 -32.86
CA LYS B 347 -44.90 4.90 -33.98
C LYS B 347 -44.56 6.38 -33.82
N GLY B 348 -44.78 7.16 -34.88
CA GLY B 348 -44.59 8.61 -34.83
C GLY B 348 -44.33 9.28 -36.17
N TYR B 349 -44.00 10.57 -36.10
CA TYR B 349 -43.65 11.39 -37.28
C TYR B 349 -42.67 12.48 -36.85
N ALA B 350 -41.38 12.24 -37.08
CA ALA B 350 -40.33 13.22 -36.77
C ALA B 350 -38.96 12.69 -37.18
N GLY B 351 -38.01 13.60 -37.38
CA GLY B 351 -36.65 13.24 -37.78
C GLY B 351 -36.06 14.26 -38.74
N THR B 352 -35.45 13.77 -39.82
CA THR B 352 -34.89 14.63 -40.85
C THR B 352 -35.28 14.13 -42.25
N PRO B 353 -35.95 14.97 -43.05
CA PRO B 353 -36.33 14.63 -44.42
C PRO B 353 -35.17 14.10 -45.28
N GLY B 354 -35.21 12.80 -45.55
CA GLY B 354 -34.15 12.09 -46.28
C GLY B 354 -33.57 10.94 -45.47
N PHE B 355 -33.40 11.19 -44.17
CA PHE B 355 -32.83 10.19 -43.25
C PHE B 355 -33.92 9.49 -42.42
N MET B 356 -35.17 9.95 -42.58
CA MET B 356 -36.34 9.13 -42.26
C MET B 356 -36.36 7.96 -43.22
N ALA B 357 -36.98 6.87 -42.82
CA ALA B 357 -37.22 5.76 -43.73
C ALA B 357 -38.48 6.04 -44.56
N PRO B 358 -38.72 5.24 -45.62
CA PRO B 358 -39.99 5.20 -46.35
C PRO B 358 -41.19 4.92 -45.44
N GLU B 359 -41.06 3.91 -44.58
CA GLU B 359 -42.12 3.54 -43.62
C GLU B 359 -42.19 4.50 -42.41
N LEU B 360 -41.29 5.47 -42.35
CA LEU B 360 -41.27 6.50 -41.30
C LEU B 360 -42.05 7.75 -41.75
N LEU B 361 -42.03 8.03 -43.06
CA LEU B 361 -42.70 9.20 -43.61
C LEU B 361 -44.23 9.06 -43.69
N LEU B 362 -44.72 7.88 -44.07
CA LEU B 362 -46.17 7.62 -44.08
C LEU B 362 -46.76 7.63 -42.67
N GLY B 363 -45.96 7.21 -41.69
CA GLY B 363 -46.36 7.23 -40.28
C GLY B 363 -46.86 5.88 -39.78
N GLU B 364 -46.11 4.83 -40.10
CA GLU B 364 -46.48 3.45 -39.76
C GLU B 364 -45.57 2.90 -38.64
N GLU B 365 -45.68 1.59 -38.36
CA GLU B 365 -44.81 0.92 -37.38
C GLU B 365 -43.49 0.49 -38.04
N TYR B 366 -42.37 1.02 -37.55
CA TYR B 366 -41.06 0.84 -38.18
C TYR B 366 -40.01 0.28 -37.24
N ASP B 367 -39.14 -0.58 -37.78
CA ASP B 367 -38.02 -1.14 -37.03
C ASP B 367 -36.84 -0.17 -37.04
N PHE B 368 -35.71 -0.59 -36.46
CA PHE B 368 -34.53 0.29 -36.32
C PHE B 368 -33.92 0.74 -37.63
N SER B 369 -34.19 -0.01 -38.71
CA SER B 369 -33.52 0.22 -39.99
C SER B 369 -33.88 1.54 -40.69
N VAL B 370 -34.72 2.37 -40.07
CA VAL B 370 -34.86 3.77 -40.51
C VAL B 370 -33.55 4.51 -40.25
N ASP B 371 -32.80 4.03 -39.26
CA ASP B 371 -31.44 4.46 -39.01
C ASP B 371 -30.53 3.93 -40.11
N TYR B 372 -30.62 2.63 -40.37
CA TYR B 372 -29.82 1.97 -41.41
C TYR B 372 -30.18 2.51 -42.80
N PHE B 373 -31.42 2.94 -42.97
CA PHE B 373 -31.82 3.66 -44.16
C PHE B 373 -31.17 5.04 -44.14
N ALA B 374 -31.24 5.71 -42.99
CA ALA B 374 -30.58 6.99 -42.80
C ALA B 374 -29.08 6.89 -43.05
N LEU B 375 -28.47 5.81 -42.57
CA LEU B 375 -27.05 5.53 -42.81
C LEU B 375 -26.73 5.44 -44.30
N GLY B 376 -27.57 4.75 -45.06
CA GLY B 376 -27.40 4.65 -46.50
C GLY B 376 -27.35 6.02 -47.16
N VAL B 377 -28.26 6.91 -46.74
CA VAL B 377 -28.31 8.28 -47.23
C VAL B 377 -27.07 9.06 -46.80
N THR B 378 -26.63 8.80 -45.57
CA THR B 378 -25.43 9.42 -45.02
C THR B 378 -24.19 8.98 -45.79
N LEU B 379 -24.03 7.67 -45.96
CA LEU B 379 -22.90 7.10 -46.71
C LEU B 379 -22.82 7.63 -48.14
N TYR B 380 -23.99 7.90 -48.72
CA TYR B 380 -24.06 8.53 -50.03
C TYR B 380 -23.57 9.96 -49.93
N GLU B 381 -24.20 10.74 -49.05
CA GLU B 381 -23.83 12.15 -48.85
C GLU B 381 -22.39 12.29 -48.37
N MET B 382 -21.84 11.22 -47.79
CA MET B 382 -20.40 11.14 -47.53
C MET B 382 -19.60 11.16 -48.83
N ILE B 383 -19.91 10.22 -49.72
CA ILE B 383 -19.15 10.03 -50.95
C ILE B 383 -19.94 10.55 -52.16
N ALA B 384 -20.63 11.68 -51.99
CA ALA B 384 -21.40 12.29 -53.09
C ALA B 384 -21.45 13.81 -53.07
N ALA B 385 -21.48 14.42 -51.88
CA ALA B 385 -21.58 15.87 -51.72
C ALA B 385 -22.99 16.36 -52.10
N ARG B 386 -23.99 15.54 -51.78
CA ARG B 386 -25.39 15.85 -52.05
C ARG B 386 -26.28 14.80 -51.41
N GLY B 387 -27.55 15.14 -51.22
CA GLY B 387 -28.55 14.15 -50.83
C GLY B 387 -28.73 13.16 -51.97
N PRO B 388 -28.94 11.86 -51.64
CA PRO B 388 -28.96 10.80 -52.66
C PRO B 388 -29.99 10.98 -53.79
N PHE B 389 -31.21 11.37 -53.44
CA PHE B 389 -32.28 11.57 -54.42
C PHE B 389 -32.21 12.96 -55.04
N ARG B 390 -31.94 13.96 -54.22
CA ARG B 390 -31.99 15.37 -54.61
C ARG B 390 -30.76 15.78 -55.44
N ALA B 391 -30.66 17.08 -55.69
CA ALA B 391 -29.40 17.70 -56.08
C ALA B 391 -28.87 18.48 -54.88
N ARG B 392 -27.56 18.72 -54.87
CA ARG B 392 -26.89 19.41 -53.76
C ARG B 392 -27.55 20.75 -53.42
N GLY B 393 -27.92 20.92 -52.14
CA GLY B 393 -28.48 22.18 -51.66
C GLY B 393 -29.78 22.63 -52.30
N GLU B 394 -30.39 21.77 -53.12
CA GLU B 394 -31.65 22.09 -53.76
C GLU B 394 -32.72 22.13 -52.68
N LYS B 395 -33.36 23.28 -52.52
CA LYS B 395 -34.31 23.50 -51.43
C LYS B 395 -35.73 23.11 -51.83
N VAL B 396 -35.95 21.82 -52.09
CA VAL B 396 -37.29 21.32 -52.37
C VAL B 396 -38.06 21.21 -51.06
N GLU B 397 -39.38 21.14 -51.16
CA GLU B 397 -40.23 21.00 -49.99
C GLU B 397 -40.16 19.57 -49.48
N ASN B 398 -40.87 19.30 -48.39
CA ASN B 398 -40.82 18.01 -47.74
C ASN B 398 -41.78 16.99 -48.37
N LYS B 399 -42.65 17.43 -49.29
CA LYS B 399 -43.54 16.51 -50.00
C LYS B 399 -42.82 15.77 -51.14
N GLU B 400 -42.05 16.49 -51.96
CA GLU B 400 -41.26 15.86 -53.02
C GLU B 400 -40.10 15.06 -52.43
N LEU B 401 -39.56 15.55 -51.31
CA LEU B 401 -38.51 14.82 -50.58
C LEU B 401 -39.06 13.51 -49.99
N LYS B 402 -40.33 13.52 -49.58
CA LYS B 402 -41.01 12.30 -49.13
C LYS B 402 -41.34 11.37 -50.30
N GLN B 403 -41.78 11.95 -51.42
CA GLN B 403 -42.08 11.18 -52.65
C GLN B 403 -40.83 10.57 -53.27
N ARG B 404 -39.68 11.21 -53.06
CA ARG B 404 -38.40 10.69 -53.50
C ARG B 404 -37.77 9.76 -52.44
N VAL B 405 -38.19 9.92 -51.19
CA VAL B 405 -37.79 8.99 -50.12
C VAL B 405 -38.42 7.59 -50.32
N LEU B 406 -39.65 7.56 -50.82
CA LEU B 406 -40.40 6.31 -50.99
C LEU B 406 -40.16 5.62 -52.34
N GLU B 407 -40.40 6.34 -53.44
CA GLU B 407 -40.41 5.74 -54.78
C GLU B 407 -39.04 5.64 -55.45
N GLN B 408 -38.44 6.80 -55.74
CA GLN B 408 -37.26 6.89 -56.61
C GLN B 408 -36.09 6.01 -56.14
N ALA B 409 -35.52 5.26 -57.08
CA ALA B 409 -34.31 4.48 -56.81
C ALA B 409 -33.09 5.37 -56.91
N VAL B 410 -31.91 4.81 -56.64
CA VAL B 410 -30.68 5.60 -56.61
C VAL B 410 -29.93 5.49 -57.94
N THR B 411 -29.76 6.62 -58.65
CA THR B 411 -29.04 6.66 -59.93
C THR B 411 -27.55 6.98 -59.73
N TYR B 412 -26.70 5.95 -59.74
CA TYR B 412 -25.28 6.09 -59.42
C TYR B 412 -24.42 6.55 -60.61
N PRO B 413 -23.33 7.29 -60.35
CA PRO B 413 -22.37 7.71 -61.37
C PRO B 413 -21.14 6.80 -61.41
N ASP B 414 -20.04 7.30 -61.98
CA ASP B 414 -18.83 6.51 -62.20
C ASP B 414 -17.94 6.34 -60.95
N LYS B 415 -18.02 7.28 -60.02
CA LYS B 415 -17.09 7.36 -58.89
C LYS B 415 -17.12 6.14 -57.94
N PHE B 416 -18.25 5.44 -57.90
CA PHE B 416 -18.44 4.31 -56.99
C PHE B 416 -17.71 3.04 -57.43
N SER B 417 -17.11 2.36 -56.46
CA SER B 417 -16.62 0.99 -56.65
C SER B 417 -17.81 0.04 -56.48
N PRO B 418 -17.74 -1.16 -57.06
CA PRO B 418 -18.90 -2.07 -57.11
C PRO B 418 -19.37 -2.59 -55.75
N ALA B 419 -18.44 -2.79 -54.81
CA ALA B 419 -18.79 -3.24 -53.47
C ALA B 419 -19.67 -2.23 -52.74
N SER B 420 -19.43 -0.95 -52.99
CA SER B 420 -20.23 0.13 -52.41
C SER B 420 -21.62 0.18 -53.05
N LYS B 421 -21.69 -0.02 -54.36
CA LYS B 421 -22.97 0.01 -55.09
C LYS B 421 -23.86 -1.18 -54.72
N ASP B 422 -23.25 -2.36 -54.59
CA ASP B 422 -23.98 -3.58 -54.23
C ASP B 422 -24.48 -3.53 -52.79
N PHE B 423 -23.82 -2.74 -51.94
CA PHE B 423 -24.17 -2.63 -50.52
C PHE B 423 -25.20 -1.53 -50.24
N CYS B 424 -25.04 -0.38 -50.89
CA CYS B 424 -25.99 0.73 -50.72
C CYS B 424 -27.38 0.43 -51.27
N GLU B 425 -27.45 -0.45 -52.28
CA GLU B 425 -28.75 -0.94 -52.78
C GLU B 425 -29.52 -1.71 -51.70
N ALA B 426 -28.81 -2.24 -50.71
CA ALA B 426 -29.44 -2.93 -49.59
C ALA B 426 -30.07 -1.95 -48.59
N LEU B 427 -29.31 -0.94 -48.18
CA LEU B 427 -29.78 0.04 -47.19
C LEU B 427 -30.91 0.93 -47.71
N LEU B 428 -30.88 1.23 -49.01
CA LEU B 428 -31.82 2.17 -49.61
C LEU B 428 -33.04 1.49 -50.25
N GLN B 429 -33.37 0.28 -49.82
CA GLN B 429 -34.57 -0.42 -50.32
C GLN B 429 -35.83 0.31 -49.85
N LYS B 430 -36.92 0.11 -50.58
CA LYS B 430 -38.15 0.87 -50.36
C LYS B 430 -39.02 0.28 -49.25
N ASP B 431 -38.58 -0.84 -48.68
CA ASP B 431 -39.27 -1.48 -47.56
C ASP B 431 -38.24 -2.00 -46.53
N PRO B 432 -38.68 -2.28 -45.29
CA PRO B 432 -37.73 -2.63 -44.23
C PRO B 432 -37.39 -4.12 -44.08
N GLU B 433 -38.15 -5.01 -44.71
CA GLU B 433 -37.90 -6.47 -44.58
C GLU B 433 -36.77 -6.96 -45.49
N LYS B 434 -36.52 -6.26 -46.59
CA LYS B 434 -35.43 -6.61 -47.52
C LYS B 434 -34.14 -5.82 -47.21
N ARG B 435 -34.25 -4.79 -46.38
CA ARG B 435 -33.11 -3.98 -45.97
C ARG B 435 -32.43 -4.62 -44.77
N LEU B 436 -31.11 -4.84 -44.87
CA LEU B 436 -30.34 -5.53 -43.84
C LEU B 436 -30.34 -4.74 -42.52
N GLY B 437 -31.39 -4.93 -41.74
CA GLY B 437 -31.56 -4.24 -40.46
C GLY B 437 -30.99 -5.05 -39.31
N PHE B 438 -31.61 -4.92 -38.13
CA PHE B 438 -31.16 -5.62 -36.94
C PHE B 438 -31.71 -7.04 -36.93
N ARG B 439 -30.85 -8.00 -37.24
CA ARG B 439 -31.26 -9.41 -37.36
C ARG B 439 -30.32 -10.32 -36.58
N ASP B 440 -30.91 -11.28 -35.86
CA ASP B 440 -30.17 -12.28 -35.06
C ASP B 440 -29.58 -11.74 -33.75
N GLY B 441 -29.73 -10.44 -33.48
CA GLY B 441 -29.20 -9.84 -32.26
C GLY B 441 -27.95 -8.98 -32.44
N SER B 442 -27.23 -9.21 -33.54
CA SER B 442 -26.08 -8.38 -33.91
C SER B 442 -25.95 -8.31 -35.43
N CYS B 443 -25.09 -7.42 -35.90
CA CYS B 443 -24.85 -7.28 -37.33
C CYS B 443 -23.91 -8.36 -37.86
N ASP B 444 -24.11 -9.61 -37.45
CA ASP B 444 -23.28 -10.73 -37.91
C ASP B 444 -23.53 -11.07 -39.37
N GLY B 445 -24.72 -10.73 -39.87
CA GLY B 445 -25.04 -10.87 -41.30
C GLY B 445 -24.51 -9.73 -42.14
N LEU B 446 -24.40 -8.55 -41.52
CA LEU B 446 -23.85 -7.36 -42.16
C LEU B 446 -22.34 -7.48 -42.32
N ARG B 447 -21.66 -7.86 -41.22
CA ARG B 447 -20.19 -7.94 -41.17
C ARG B 447 -19.57 -8.87 -42.24
N THR B 448 -20.35 -9.82 -42.76
CA THR B 448 -19.90 -10.70 -43.84
C THR B 448 -19.78 -9.96 -45.17
N HIS B 449 -20.61 -8.93 -45.38
CA HIS B 449 -20.76 -8.32 -46.69
C HIS B 449 -19.44 -7.87 -47.32
N PRO B 450 -19.23 -8.20 -48.62
CA PRO B 450 -18.04 -7.90 -49.42
C PRO B 450 -17.23 -6.64 -49.14
N LEU B 451 -17.88 -5.52 -48.80
CA LEU B 451 -17.17 -4.24 -48.66
C LEU B 451 -16.11 -4.21 -47.54
N PHE B 452 -16.15 -5.21 -46.65
CA PHE B 452 -15.19 -5.31 -45.56
C PHE B 452 -14.33 -6.57 -45.67
N ARG B 453 -13.35 -6.51 -46.57
CA ARG B 453 -12.40 -7.61 -46.78
C ARG B 453 -11.13 -7.25 -46.03
N ASP B 454 -10.60 -6.05 -46.34
CA ASP B 454 -9.43 -5.49 -45.68
C ASP B 454 -9.65 -5.49 -44.17
N ILE B 455 -10.81 -4.98 -43.76
CA ILE B 455 -11.12 -4.79 -42.35
C ILE B 455 -11.58 -6.11 -41.72
N SER B 456 -10.74 -6.67 -40.86
CA SER B 456 -11.13 -7.81 -40.03
C SER B 456 -11.89 -7.28 -38.82
N TRP B 457 -12.99 -7.94 -38.48
CA TRP B 457 -13.96 -7.38 -37.54
C TRP B 457 -13.59 -7.59 -36.07
N ARG B 458 -12.49 -6.97 -35.65
CA ARG B 458 -11.99 -7.07 -34.29
C ARG B 458 -11.28 -5.78 -33.87
N GLN B 459 -10.26 -5.40 -34.64
CA GLN B 459 -9.39 -4.27 -34.29
C GLN B 459 -10.13 -2.95 -34.14
N LEU B 460 -11.16 -2.72 -34.95
CA LEU B 460 -11.92 -1.46 -34.88
C LEU B 460 -12.68 -1.34 -33.57
N GLU B 461 -13.11 -2.47 -33.02
CA GLU B 461 -13.83 -2.49 -31.74
C GLU B 461 -12.90 -2.20 -30.55
N ALA B 462 -11.59 -2.39 -30.75
CA ALA B 462 -10.59 -2.18 -29.70
C ALA B 462 -10.07 -0.74 -29.69
N GLY B 463 -9.49 -0.32 -30.81
CA GLY B 463 -8.90 1.02 -30.94
C GLY B 463 -7.40 0.95 -31.15
N MET B 464 -6.98 0.38 -32.28
CA MET B 464 -5.56 0.31 -32.65
C MET B 464 -5.27 0.62 -34.14
N LEU B 465 -6.31 0.79 -34.96
CA LEU B 465 -6.16 1.02 -36.40
C LEU B 465 -5.85 2.49 -36.69
N THR B 466 -4.80 2.75 -37.46
CA THR B 466 -4.42 4.11 -37.87
C THR B 466 -5.52 4.69 -38.76
N PRO B 467 -6.33 5.65 -38.24
CA PRO B 467 -7.44 6.16 -39.04
C PRO B 467 -6.97 6.94 -40.27
N PRO B 468 -7.73 6.88 -41.37
CA PRO B 468 -7.33 7.47 -42.66
C PRO B 468 -7.24 9.01 -42.75
N PHE B 469 -7.38 9.73 -41.63
CA PHE B 469 -7.08 11.17 -41.59
C PHE B 469 -6.92 11.69 -40.17
N VAL B 470 -5.68 11.98 -39.79
CA VAL B 470 -5.38 12.57 -38.48
C VAL B 470 -5.57 14.10 -38.58
N PRO B 471 -6.23 14.72 -37.58
CA PRO B 471 -6.56 16.15 -37.65
C PRO B 471 -5.49 17.11 -37.13
N ASP B 472 -5.76 18.41 -37.26
CA ASP B 472 -4.88 19.47 -36.75
C ASP B 472 -5.36 19.93 -35.38
N ALA B 494 -41.94 31.56 -11.72
CA ALA B 494 -41.69 30.93 -10.42
C ALA B 494 -41.97 29.42 -10.47
N PHE B 495 -41.27 28.66 -9.63
CA PHE B 495 -41.32 27.18 -9.66
C PHE B 495 -42.26 26.56 -8.61
N GLU B 496 -42.78 25.38 -8.95
CA GLU B 496 -43.54 24.53 -8.01
C GLU B 496 -42.61 23.46 -7.43
N LYS B 497 -43.15 22.55 -6.61
CA LYS B 497 -42.35 21.47 -6.02
C LYS B 497 -41.94 20.39 -7.02
N ALA B 498 -42.83 20.06 -7.95
CA ALA B 498 -42.62 18.95 -8.89
C ALA B 498 -41.34 19.06 -9.74
N ASP B 499 -40.75 20.25 -9.81
CA ASP B 499 -39.61 20.52 -10.67
C ASP B 499 -38.26 20.47 -9.94
N THR B 500 -38.19 21.08 -8.76
CA THR B 500 -36.97 21.07 -7.94
C THR B 500 -36.73 19.70 -7.27
N GLU B 501 -37.79 18.92 -7.08
CA GLU B 501 -37.66 17.53 -6.64
C GLU B 501 -37.13 16.64 -7.78
N PHE B 502 -37.45 17.03 -9.02
CA PHE B 502 -37.00 16.30 -10.21
C PHE B 502 -35.55 16.62 -10.59
N PHE B 503 -35.13 17.89 -10.43
CA PHE B 503 -33.77 18.30 -10.76
C PHE B 503 -32.71 17.58 -9.89
N GLN B 504 -33.06 17.30 -8.62
CA GLN B 504 -32.18 16.55 -7.70
C GLN B 504 -32.31 15.03 -7.87
N GLU B 505 -33.46 14.55 -8.34
CA GLU B 505 -33.62 13.16 -8.77
C GLU B 505 -32.78 12.90 -10.01
N PHE B 506 -33.00 13.75 -11.02
CA PHE B 506 -32.20 13.80 -12.24
C PHE B 506 -30.71 13.74 -11.91
N ALA B 507 -30.26 14.61 -11.02
CA ALA B 507 -28.86 14.65 -10.62
C ALA B 507 -28.52 13.54 -9.64
N SER B 508 -28.08 12.39 -10.17
CA SER B 508 -27.56 11.30 -9.35
C SER B 508 -26.05 11.46 -9.11
N GLY B 509 -25.57 12.70 -9.20
CA GLY B 509 -24.17 13.01 -8.97
C GLY B 509 -23.26 12.36 -10.00
N THR B 510 -22.88 11.12 -9.74
CA THR B 510 -21.88 10.43 -10.53
C THR B 510 -22.46 9.32 -11.40
N CYS B 511 -21.78 9.05 -12.51
CA CYS B 511 -21.98 7.83 -13.30
C CYS B 511 -20.66 7.06 -13.21
N PRO B 512 -20.68 5.84 -12.65
CA PRO B 512 -19.51 5.25 -11.97
C PRO B 512 -18.25 4.98 -12.80
N ILE B 513 -18.40 4.32 -13.93
CA ILE B 513 -17.27 3.69 -14.60
C ILE B 513 -16.38 4.65 -15.40
N PRO B 514 -16.98 5.53 -16.23
CA PRO B 514 -16.13 6.52 -16.88
C PRO B 514 -15.39 7.38 -15.86
N TRP B 515 -16.05 7.64 -14.73
CA TRP B 515 -15.41 8.24 -13.57
C TRP B 515 -14.19 7.41 -13.14
N GLN B 516 -14.39 6.09 -12.98
CA GLN B 516 -13.28 5.21 -12.62
C GLN B 516 -12.14 5.31 -13.61
N GLU B 517 -12.49 5.25 -14.90
CA GLU B 517 -11.51 5.40 -15.98
C GLU B 517 -10.73 6.71 -15.88
N GLU B 518 -11.42 7.79 -15.56
CA GLU B 518 -10.79 9.11 -15.39
C GLU B 518 -9.66 9.04 -14.35
N MET B 519 -9.90 8.31 -13.28
CA MET B 519 -8.94 8.23 -12.19
C MET B 519 -7.71 7.42 -12.60
N ILE B 520 -7.95 6.36 -13.35
CA ILE B 520 -6.88 5.45 -13.75
C ILE B 520 -6.04 6.01 -14.91
N GLU B 521 -6.71 6.61 -15.89
CA GLU B 521 -6.04 7.17 -17.07
C GLU B 521 -5.27 8.45 -16.75
N THR B 522 -5.87 9.31 -15.93
CA THR B 522 -5.24 10.58 -15.54
C THR B 522 -4.11 10.42 -14.51
N GLY B 523 -4.00 9.22 -13.93
CA GLY B 523 -3.02 8.96 -12.89
C GLY B 523 -3.53 9.31 -11.50
N VAL B 524 -4.71 9.91 -11.45
CA VAL B 524 -5.38 10.26 -10.20
C VAL B 524 -5.53 9.04 -9.29
N PHE B 525 -5.90 7.92 -9.87
CA PHE B 525 -5.88 6.64 -9.15
C PHE B 525 -4.47 6.36 -8.70
N GLY B 526 -3.55 6.36 -9.66
CA GLY B 526 -2.16 5.97 -9.44
C GLY B 526 -1.42 6.76 -8.38
N ASP B 527 -1.70 8.06 -8.26
CA ASP B 527 -0.93 8.93 -7.36
C ASP B 527 -1.57 9.19 -5.98
N LEU B 528 -2.81 8.72 -5.75
CA LEU B 528 -3.39 8.68 -4.40
C LEU B 528 -3.68 7.26 -3.91
N ASN B 529 -3.33 6.25 -4.72
CA ASN B 529 -3.34 4.85 -4.28
C ASN B 529 -1.97 4.46 -3.72
N VAL B 530 -1.29 5.41 -3.07
CA VAL B 530 0.13 5.29 -2.71
C VAL B 530 0.35 4.43 -1.48
N TRP B 531 1.47 3.70 -1.50
CA TRP B 531 1.97 2.97 -0.33
C TRP B 531 3.33 3.51 0.10
N ARG B 532 4.17 3.90 -0.86
CA ARG B 532 5.45 4.54 -0.56
C ARG B 532 6.10 5.10 -1.83
#